data_5J7W
#
_entry.id   5J7W
#
_cell.length_a   72.227
_cell.length_b   94.144
_cell.length_c   96.293
_cell.angle_alpha   90.000
_cell.angle_beta   94.140
_cell.angle_gamma   90.000
#
_symmetry.space_group_name_H-M   'P 1 21 1'
#
loop_
_entity.id
_entity.type
_entity.pdbx_description
1 polymer 'Thymidylate synthase'
2 non-polymer 'SULFATE ION'
3 non-polymer METHOTREXATE
4 water water
#
_entity_poly.entity_id   1
_entity_poly.type   'polypeptide(L)'
_entity_poly.pdbx_seq_one_letter_code
;MEEAYLALGKKILEEGHFKEDRTGTGTYSLFGYQMRFDLAKGFPLLTTKRVPFGLIKSELLWFLKGDTNIRYLLERNNHI
WDEWAFERYVKSADYQGPDMTDFGHRVLQDPAFAEQYKEEHQKFCDAILNDAEFAEKYGELGNIYGAQWRHWETKDGSFI
DQLANVIEMIKTNPDSRRLIVSAWNPEDVPSMALPPCHTMFQFYVNEGKLSCQLYQRSADVFLGVPFNIASYALLTHLIA
HETGLEVGEFVHTLGDAHLYQNHVEQMQEQLSREVRSFPTLVLNPDKASVFDFDMEDIKVEGYDPHPTIKAPIAV
;
_entity_poly.pdbx_strand_id   A,B,C,D
#
# COMPACT_ATOMS: atom_id res chain seq x y z
N MET A 1 3.77 14.48 11.59
CA MET A 1 4.65 15.63 11.24
C MET A 1 4.28 16.79 12.16
N GLU A 2 5.27 17.50 12.70
CA GLU A 2 5.00 18.70 13.50
C GLU A 2 4.33 19.81 12.67
N GLU A 3 4.57 19.80 11.36
CA GLU A 3 3.96 20.75 10.44
C GLU A 3 2.43 20.57 10.36
N ALA A 4 1.90 19.41 10.76
CA ALA A 4 0.45 19.19 10.79
C ALA A 4 -0.22 20.03 11.88
N TYR A 5 0.41 20.06 13.04
CA TYR A 5 0.01 20.92 14.14
C TYR A 5 0.17 22.40 13.76
N LEU A 6 1.31 22.73 13.15
CA LEU A 6 1.62 24.12 12.76
C LEU A 6 0.65 24.64 11.68
N ALA A 7 0.32 23.82 10.69
CA ALA A 7 -0.72 24.17 9.70
C ALA A 7 -2.07 24.38 10.39
N LEU A 8 -2.35 23.62 11.44
CA LEU A 8 -3.61 23.72 12.21
C LEU A 8 -3.77 25.06 12.93
N GLY A 9 -2.72 25.50 13.63
CA GLY A 9 -2.73 26.81 14.30
C GLY A 9 -2.79 27.95 13.29
N LYS A 10 -2.08 27.80 12.16
CA LYS A 10 -2.13 28.74 11.03
C LYS A 10 -3.51 28.81 10.36
N LYS A 11 -4.17 27.67 10.18
CA LYS A 11 -5.54 27.64 9.66
C LYS A 11 -6.53 28.29 10.64
N ILE A 12 -6.29 28.16 11.94
CA ILE A 12 -7.18 28.78 12.94
C ILE A 12 -7.02 30.30 12.91
N LEU A 13 -5.76 30.76 12.90
CA LEU A 13 -5.52 32.19 12.76
C LEU A 13 -6.19 32.75 11.50
N GLU A 14 -6.15 32.00 10.40
CA GLU A 14 -6.67 32.52 9.11
C GLU A 14 -8.17 32.37 8.84
N GLU A 15 -8.77 31.25 9.25
CA GLU A 15 -10.16 30.92 8.93
C GLU A 15 -11.04 30.68 10.15
N GLY A 16 -10.44 30.71 11.35
CA GLY A 16 -11.15 30.47 12.62
C GLY A 16 -12.31 31.41 12.84
N HIS A 17 -13.42 30.88 13.37
CA HIS A 17 -14.61 31.68 13.68
C HIS A 17 -14.54 32.20 15.12
N PHE A 18 -14.70 33.52 15.25
CA PHE A 18 -14.71 34.19 16.55
C PHE A 18 -16.02 33.93 17.25
N LYS A 19 -15.92 33.79 18.57
CA LYS A 19 -17.05 33.57 19.46
C LYS A 19 -16.65 34.12 20.81
N GLU A 20 -17.65 34.45 21.62
CA GLU A 20 -17.40 35.04 22.91
C GLU A 20 -18.36 34.45 23.95
N ASP A 21 -17.82 33.71 24.92
CA ASP A 21 -18.62 33.01 25.94
C ASP A 21 -19.12 33.95 27.06
N ARG A 22 -19.87 33.40 28.02
CA ARG A 22 -20.48 34.23 29.10
C ARG A 22 -19.49 34.99 29.99
N THR A 23 -18.32 34.40 30.25
CA THR A 23 -17.25 35.04 31.04
C THR A 23 -16.55 36.17 30.28
N GLY A 24 -16.74 36.24 28.96
CA GLY A 24 -16.09 37.22 28.10
C GLY A 24 -14.84 36.69 27.40
N THR A 25 -14.73 35.36 27.26
CA THR A 25 -13.54 34.72 26.67
C THR A 25 -13.68 34.61 25.16
N GLY A 26 -12.71 35.16 24.43
CA GLY A 26 -12.62 34.99 22.97
C GLY A 26 -11.86 33.75 22.54
N THR A 27 -12.32 33.13 21.45
CA THR A 27 -11.67 31.97 20.83
C THR A 27 -11.82 32.00 19.31
N TYR A 28 -10.84 31.45 18.62
CA TYR A 28 -10.91 31.21 17.17
C TYR A 28 -11.01 29.71 16.97
N SER A 29 -11.91 29.29 16.09
CA SER A 29 -12.56 27.97 16.14
C SER A 29 -12.69 27.32 14.75
N LEU A 30 -12.44 26.01 14.70
CA LEU A 30 -12.80 25.15 13.56
C LEU A 30 -13.41 23.86 14.09
N PHE A 31 -14.22 23.21 13.27
CA PHE A 31 -14.84 21.92 13.62
C PHE A 31 -14.47 20.78 12.67
N GLY A 32 -13.81 19.77 13.22
CA GLY A 32 -13.43 18.61 12.46
C GLY A 32 -12.05 18.85 11.94
N TYR A 33 -11.07 18.20 12.55
CA TYR A 33 -9.70 18.25 12.08
C TYR A 33 -9.03 16.91 12.39
N GLN A 34 -8.09 16.49 11.57
CA GLN A 34 -7.33 15.24 11.77
C GLN A 34 -5.82 15.43 11.48
N MET A 35 -4.96 15.11 12.48
CA MET A 35 -3.47 15.10 12.37
C MET A 35 -2.95 13.68 12.63
N ARG A 36 -1.93 13.25 11.89
CA ARG A 36 -1.33 11.91 12.02
C ARG A 36 0.12 12.02 12.45
N PHE A 37 0.59 11.13 13.33
CA PHE A 37 2.00 11.16 13.76
C PHE A 37 2.61 9.79 13.58
N ASP A 38 3.50 9.67 12.59
CA ASP A 38 4.22 8.38 12.35
C ASP A 38 5.31 8.32 13.41
N LEU A 39 5.16 7.36 14.33
CA LEU A 39 5.95 7.31 15.54
C LEU A 39 7.34 6.75 15.32
N ALA A 40 7.53 6.08 14.18
CA ALA A 40 8.87 5.68 13.67
C ALA A 40 9.73 6.80 13.09
N LYS A 41 9.20 8.01 12.97
CA LYS A 41 9.97 9.21 12.61
C LYS A 41 10.47 10.00 13.81
N GLY A 42 10.01 9.61 15.00
CA GLY A 42 10.38 10.26 16.25
C GLY A 42 9.16 10.52 17.10
N PHE A 43 9.43 10.83 18.37
CA PHE A 43 8.41 11.01 19.39
C PHE A 43 7.92 12.47 19.36
N PRO A 44 6.59 12.68 19.27
CA PRO A 44 6.11 14.03 18.92
C PRO A 44 5.98 15.03 20.10
N LEU A 45 7.11 15.30 20.76
CA LEU A 45 7.24 16.42 21.69
C LEU A 45 7.63 17.61 20.83
N LEU A 46 6.90 18.70 20.97
CA LEU A 46 7.09 19.87 20.07
C LEU A 46 8.50 20.49 20.19
N THR A 47 9.14 20.70 19.05
CA THR A 47 10.45 21.35 19.00
C THR A 47 10.36 22.87 18.79
N THR A 48 9.28 23.33 18.16
CA THR A 48 9.07 24.75 17.93
C THR A 48 8.92 25.58 19.22
N LYS A 49 8.56 24.90 20.31
CA LYS A 49 8.60 25.46 21.68
C LYS A 49 8.89 24.30 22.67
N ARG A 50 9.46 24.61 23.83
CA ARG A 50 9.76 23.58 24.83
C ARG A 50 8.47 23.10 25.46
N VAL A 51 8.36 21.77 25.58
CA VAL A 51 7.18 21.09 26.17
C VAL A 51 7.71 20.22 27.30
N PRO A 52 7.18 20.41 28.53
CA PRO A 52 7.64 19.74 29.75
C PRO A 52 7.13 18.30 29.85
N PHE A 53 8.02 17.37 29.53
CA PHE A 53 7.67 15.98 29.39
C PHE A 53 7.39 15.32 30.72
N GLY A 54 8.08 15.76 31.77
CA GLY A 54 7.93 15.17 33.09
C GLY A 54 6.48 15.11 33.54
N LEU A 55 5.81 16.27 33.42
CA LEU A 55 4.39 16.45 33.75
C LEU A 55 3.43 15.57 32.95
N ILE A 56 3.79 15.28 31.70
CA ILE A 56 3.01 14.37 30.85
C ILE A 56 3.19 12.92 31.31
N LYS A 57 4.42 12.57 31.70
CA LYS A 57 4.78 11.25 32.20
C LYS A 57 4.03 10.91 33.46
N SER A 58 4.17 11.77 34.46
CA SER A 58 3.54 11.59 35.76
C SER A 58 2.04 11.48 35.63
N GLU A 59 1.47 12.22 34.70
CA GLU A 59 0.01 12.30 34.57
C GLU A 59 -0.49 11.11 33.80
N LEU A 60 0.25 10.66 32.79
CA LEU A 60 -0.12 9.43 32.09
C LEU A 60 0.06 8.18 32.97
N LEU A 61 1.15 8.10 33.73
CA LEU A 61 1.35 6.99 34.69
C LEU A 61 0.23 6.92 35.76
N TRP A 62 -0.32 8.08 36.13
CA TRP A 62 -1.36 8.19 37.13
C TRP A 62 -2.72 7.74 36.60
N PHE A 63 -3.04 8.10 35.35
CA PHE A 63 -4.25 7.55 34.68
C PHE A 63 -4.15 6.04 34.46
N LEU A 64 -2.96 5.59 34.04
CA LEU A 64 -2.70 4.18 33.70
C LEU A 64 -2.83 3.23 34.87
N LYS A 65 -2.35 3.65 36.05
CA LYS A 65 -2.47 2.83 37.24
C LYS A 65 -3.84 2.98 37.92
N GLY A 66 -4.77 3.65 37.25
CA GLY A 66 -6.11 3.88 37.74
C GLY A 66 -6.23 4.80 38.94
N ASP A 67 -5.18 5.57 39.23
CA ASP A 67 -5.13 6.36 40.46
C ASP A 67 -5.83 7.72 40.27
N THR A 68 -6.64 8.04 41.26
CA THR A 68 -7.49 9.24 41.26
C THR A 68 -7.16 10.16 42.47
N ASN A 69 -5.98 9.93 43.04
CA ASN A 69 -5.51 10.58 44.26
C ASN A 69 -4.22 11.37 44.00
N ILE A 70 -4.16 12.61 44.50
CA ILE A 70 -3.06 13.52 44.16
C ILE A 70 -1.69 13.16 44.75
N ARG A 71 -1.65 12.31 45.78
CA ARG A 71 -0.39 11.99 46.44
C ARG A 71 0.70 11.55 45.47
N TYR A 72 0.32 10.72 44.51
CA TYR A 72 1.19 10.24 43.45
C TYR A 72 1.80 11.39 42.66
N LEU A 73 0.92 12.28 42.18
CA LEU A 73 1.33 13.46 41.42
C LEU A 73 2.21 14.40 42.26
N LEU A 74 1.81 14.61 43.51
CA LEU A 74 2.56 15.44 44.43
C LEU A 74 3.95 14.90 44.74
N GLU A 75 4.09 13.59 44.93
CA GLU A 75 5.43 12.98 45.09
C GLU A 75 6.36 13.20 43.89
N ARG A 76 5.81 13.66 42.76
CA ARG A 76 6.55 13.82 41.52
C ARG A 76 6.51 15.26 40.96
N ASN A 77 6.54 16.24 41.85
CA ASN A 77 6.40 17.68 41.54
C ASN A 77 5.31 18.09 40.52
N ASN A 78 4.27 17.27 40.35
CA ASN A 78 3.16 17.60 39.44
C ASN A 78 2.06 18.19 40.28
N HIS A 79 1.63 19.41 39.92
CA HIS A 79 0.66 20.20 40.67
C HIS A 79 -0.62 20.50 39.91
N ILE A 80 -0.77 19.97 38.69
CA ILE A 80 -1.81 20.48 37.77
C ILE A 80 -3.25 20.37 38.31
N TRP A 81 -3.51 19.47 39.27
CA TRP A 81 -4.78 19.45 40.05
C TRP A 81 -4.45 19.50 41.56
N ASP A 82 -4.11 20.68 42.07
CA ASP A 82 -4.25 20.97 43.52
C ASP A 82 -5.04 22.30 43.74
N GLU A 83 -6.12 22.42 42.98
CA GLU A 83 -7.09 23.50 43.07
C GLU A 83 -8.46 22.91 43.35
N TRP A 84 -8.92 22.01 42.47
CA TRP A 84 -10.11 21.19 42.73
C TRP A 84 -9.90 20.22 43.91
N ALA A 85 -8.69 20.27 44.49
CA ALA A 85 -8.35 19.66 45.78
C ALA A 85 -8.21 20.68 46.91
N PHE A 86 -7.71 21.88 46.62
CA PHE A 86 -7.65 22.95 47.63
C PHE A 86 -8.83 23.92 47.48
N GLU A 120 -0.53 28.59 54.83
CA GLU A 120 -1.61 27.64 55.11
C GLU A 120 -2.00 26.76 53.91
N HIS A 121 -1.57 27.15 52.70
CA HIS A 121 -1.66 26.29 51.52
C HIS A 121 -0.70 25.12 51.67
N GLN A 122 0.58 25.45 51.88
CA GLN A 122 1.61 24.42 52.02
C GLN A 122 1.28 23.45 53.15
N LYS A 123 0.67 23.95 54.23
CA LYS A 123 0.10 23.11 55.30
C LYS A 123 -0.70 21.90 54.75
N PHE A 124 -1.56 22.16 53.78
CA PHE A 124 -2.35 21.13 53.06
C PHE A 124 -1.47 20.19 52.19
N CYS A 125 -0.80 20.74 51.16
CA CYS A 125 0.21 20.01 50.37
C CYS A 125 1.11 19.12 51.27
N ASP A 126 1.70 19.76 52.29
CA ASP A 126 2.53 19.12 53.33
C ASP A 126 1.80 17.96 54.02
N ALA A 127 0.63 18.24 54.58
CA ALA A 127 -0.16 17.25 55.32
C ALA A 127 -0.52 16.04 54.47
N ILE A 128 -0.83 16.29 53.19
CA ILE A 128 -1.09 15.22 52.21
C ILE A 128 0.16 14.34 52.06
N LEU A 129 1.32 15.00 52.05
CA LEU A 129 2.63 14.37 51.86
C LEU A 129 3.19 13.71 53.14
N ASN A 130 2.75 14.16 54.33
CA ASN A 130 3.13 13.52 55.61
C ASN A 130 2.06 12.59 56.17
N ASP A 131 0.98 13.15 56.71
CA ASP A 131 -0.06 12.34 57.39
C ASP A 131 -0.59 11.28 56.43
N ALA A 132 -0.54 10.03 56.86
CA ALA A 132 -0.95 8.88 56.05
C ALA A 132 -2.44 8.93 55.67
N GLU A 133 -3.29 9.24 56.66
CA GLU A 133 -4.75 9.30 56.47
C GLU A 133 -5.30 10.55 55.77
N PHE A 134 -4.69 11.71 56.01
CA PHE A 134 -5.21 13.01 55.52
C PHE A 134 -5.32 13.10 53.99
N ALA A 135 -4.39 12.44 53.29
CA ALA A 135 -4.40 12.34 51.81
C ALA A 135 -5.67 11.66 51.26
N GLU A 136 -6.06 10.55 51.90
CA GLU A 136 -7.32 9.84 51.58
C GLU A 136 -8.56 10.69 51.87
N LYS A 137 -8.54 11.39 52.99
CA LYS A 137 -9.68 12.18 53.40
C LYS A 137 -9.94 13.34 52.42
N TYR A 138 -8.89 14.07 52.02
CA TYR A 138 -9.10 15.30 51.18
C TYR A 138 -8.38 15.37 49.82
N GLY A 139 -7.61 14.35 49.47
CA GLY A 139 -6.88 14.34 48.20
C GLY A 139 -7.49 13.46 47.12
N GLU A 140 -8.70 12.94 47.35
CA GLU A 140 -9.37 12.08 46.37
C GLU A 140 -10.01 12.98 45.32
N LEU A 141 -9.91 12.59 44.05
CA LEU A 141 -10.51 13.35 42.95
C LEU A 141 -11.66 12.63 42.24
N GLY A 142 -11.88 11.35 42.56
CA GLY A 142 -13.08 10.62 42.18
C GLY A 142 -13.20 10.07 40.76
N ASN A 143 -13.75 10.88 39.86
CA ASN A 143 -14.17 10.41 38.55
C ASN A 143 -13.51 11.24 37.45
N ILE A 144 -12.52 10.64 36.81
CA ILE A 144 -11.80 11.25 35.69
C ILE A 144 -11.14 10.07 34.94
N TYR A 145 -10.09 10.32 34.16
CA TYR A 145 -9.59 9.32 33.21
C TYR A 145 -9.26 7.94 33.81
N GLY A 146 -8.56 7.92 34.94
CA GLY A 146 -8.10 6.68 35.59
C GLY A 146 -9.26 5.81 36.03
N ALA A 147 -10.21 6.39 36.74
CA ALA A 147 -11.41 5.66 37.12
C ALA A 147 -12.21 5.19 35.91
N GLN A 148 -12.24 5.98 34.85
CA GLN A 148 -13.04 5.65 33.65
C GLN A 148 -12.34 4.58 32.76
N TRP A 149 -11.03 4.68 32.64
CA TRP A 149 -10.24 3.71 31.87
C TRP A 149 -10.07 2.33 32.53
N ARG A 150 -9.95 2.32 33.86
CA ARG A 150 -9.67 1.10 34.64
C ARG A 150 -10.86 0.58 35.54
N HIS A 151 -11.95 1.33 35.66
CA HIS A 151 -12.95 1.10 36.71
C HIS A 151 -14.35 1.68 36.39
N TRP A 152 -14.93 1.32 35.23
CA TRP A 152 -16.22 1.86 34.76
C TRP A 152 -17.33 1.11 35.48
N GLU A 153 -18.00 1.78 36.41
CA GLU A 153 -19.10 1.20 37.18
C GLU A 153 -20.30 0.78 36.32
N THR A 154 -20.89 -0.38 36.65
CA THR A 154 -22.11 -0.94 36.01
C THR A 154 -23.37 -0.73 36.90
N LYS A 155 -24.55 -1.13 36.41
CA LYS A 155 -25.80 -1.08 37.20
C LYS A 155 -25.77 -1.99 38.42
N ASP A 156 -25.38 -3.25 38.25
CA ASP A 156 -25.31 -4.21 39.37
C ASP A 156 -24.17 -3.93 40.39
N GLY A 157 -23.51 -2.77 40.30
CA GLY A 157 -22.43 -2.40 41.22
C GLY A 157 -21.02 -2.91 40.91
N SER A 158 -20.87 -3.75 39.89
CA SER A 158 -19.56 -4.22 39.48
C SER A 158 -18.84 -3.17 38.61
N PHE A 159 -17.67 -3.54 38.09
CA PHE A 159 -16.78 -2.61 37.44
C PHE A 159 -16.14 -3.28 36.26
N ILE A 160 -16.01 -2.51 35.17
CA ILE A 160 -15.33 -2.90 33.92
C ILE A 160 -13.95 -2.17 33.82
N ASP A 161 -12.91 -2.95 33.56
CA ASP A 161 -11.55 -2.47 33.43
C ASP A 161 -11.21 -2.42 31.91
N GLN A 162 -11.77 -1.43 31.24
CA GLN A 162 -11.64 -1.20 29.79
C GLN A 162 -10.24 -1.35 29.23
N LEU A 163 -9.31 -0.65 29.85
CA LEU A 163 -7.95 -0.63 29.39
C LEU A 163 -7.28 -1.98 29.51
N ALA A 164 -7.35 -2.57 30.71
CA ALA A 164 -6.79 -3.90 30.89
C ALA A 164 -7.33 -4.84 29.84
N ASN A 165 -8.65 -4.82 29.62
CA ASN A 165 -9.34 -5.68 28.61
C ASN A 165 -8.88 -5.45 27.17
N VAL A 166 -8.76 -4.18 26.77
CA VAL A 166 -8.25 -3.86 25.43
C VAL A 166 -6.80 -4.34 25.22
N ILE A 167 -5.98 -4.35 26.28
CA ILE A 167 -4.62 -4.93 26.20
C ILE A 167 -4.61 -6.45 25.91
N GLU A 168 -5.44 -7.23 26.59
CA GLU A 168 -5.51 -8.68 26.32
C GLU A 168 -6.20 -8.93 24.94
N MET A 169 -7.05 -8.02 24.49
CA MET A 169 -7.68 -8.15 23.16
C MET A 169 -6.62 -7.98 22.08
N ILE A 170 -5.73 -7.02 22.31
CA ILE A 170 -4.63 -6.72 21.41
C ILE A 170 -3.73 -7.93 21.21
N LYS A 171 -3.38 -8.61 22.30
CA LYS A 171 -2.49 -9.76 22.23
C LYS A 171 -3.13 -10.99 21.59
N THR A 172 -4.42 -11.16 21.85
CA THR A 172 -5.20 -12.35 21.47
C THR A 172 -6.05 -12.21 20.22
N ASN A 173 -6.46 -10.99 19.87
CA ASN A 173 -7.27 -10.76 18.68
C ASN A 173 -6.84 -9.43 18.08
N PRO A 174 -5.61 -9.38 17.55
CA PRO A 174 -5.08 -8.11 17.01
C PRO A 174 -5.91 -7.49 15.86
N ASP A 175 -6.60 -8.32 15.08
CA ASP A 175 -7.44 -7.87 13.97
C ASP A 175 -8.80 -7.25 14.36
N SER A 176 -9.08 -7.20 15.67
CA SER A 176 -10.32 -6.66 16.16
C SER A 176 -10.49 -5.21 15.78
N ARG A 177 -11.70 -4.90 15.33
CA ARG A 177 -12.14 -3.50 15.11
C ARG A 177 -12.87 -2.88 16.31
N ARG A 178 -12.73 -3.49 17.49
CA ARG A 178 -13.42 -3.05 18.70
C ARG A 178 -12.49 -2.72 19.87
N LEU A 179 -11.23 -2.40 19.57
CA LEU A 179 -10.30 -2.03 20.62
C LEU A 179 -10.58 -0.59 21.10
N ILE A 180 -11.66 -0.41 21.88
CA ILE A 180 -12.14 0.93 22.20
C ILE A 180 -12.14 1.15 23.69
N VAL A 181 -11.71 2.34 24.12
CA VAL A 181 -11.84 2.79 25.49
C VAL A 181 -12.60 4.12 25.45
N SER A 182 -13.57 4.25 26.35
CA SER A 182 -14.46 5.39 26.37
C SER A 182 -14.37 6.05 27.73
N ALA A 183 -14.38 7.38 27.70
CA ALA A 183 -14.34 8.20 28.89
C ALA A 183 -15.66 8.96 29.02
N TRP A 184 -16.61 8.71 28.12
CA TRP A 184 -17.83 9.48 28.05
C TRP A 184 -18.99 8.64 28.56
N ASN A 185 -19.32 8.83 29.84
CA ASN A 185 -20.62 8.40 30.41
C ASN A 185 -21.59 9.58 30.56
N PRO A 186 -22.70 9.57 29.81
CA PRO A 186 -23.72 10.65 29.89
C PRO A 186 -24.52 10.74 31.21
N GLU A 187 -24.52 9.64 31.99
CA GLU A 187 -25.03 9.65 33.35
C GLU A 187 -24.24 10.61 34.26
N ASP A 188 -22.91 10.70 34.09
CA ASP A 188 -22.03 11.50 35.00
C ASP A 188 -21.57 12.89 34.50
N VAL A 189 -21.64 13.12 33.19
CA VAL A 189 -21.21 14.38 32.56
C VAL A 189 -21.92 15.64 33.12
N PRO A 190 -23.26 15.68 33.13
CA PRO A 190 -23.90 16.91 33.61
C PRO A 190 -23.61 17.24 35.11
N SER A 191 -23.25 16.22 35.86
CA SER A 191 -22.85 16.33 37.28
C SER A 191 -21.40 16.80 37.52
N MET A 192 -20.52 16.71 36.52
CA MET A 192 -19.06 16.79 36.79
C MET A 192 -18.40 18.14 36.44
N ALA A 193 -17.28 18.35 37.13
CA ALA A 193 -16.60 19.65 37.19
C ALA A 193 -15.96 19.97 35.85
N LEU A 194 -15.08 19.07 35.40
CA LEU A 194 -14.49 19.14 34.08
C LEU A 194 -14.73 17.78 33.41
N PRO A 195 -15.78 17.67 32.55
CA PRO A 195 -16.00 16.41 31.80
C PRO A 195 -14.86 16.15 30.82
N PRO A 196 -14.46 14.86 30.61
CA PRO A 196 -13.25 14.56 29.81
C PRO A 196 -13.22 15.20 28.44
N CYS A 197 -12.13 15.92 28.17
CA CYS A 197 -11.89 16.51 26.86
C CYS A 197 -11.54 15.38 25.88
N HIS A 198 -11.00 14.28 26.40
CA HIS A 198 -10.64 13.08 25.61
C HIS A 198 -11.73 12.03 25.67
N THR A 199 -12.63 12.06 24.70
CA THR A 199 -13.90 11.36 24.85
C THR A 199 -13.79 9.82 24.63
N MET A 200 -13.02 9.40 23.63
CA MET A 200 -12.65 7.98 23.43
C MET A 200 -11.39 7.77 22.58
N PHE A 201 -10.73 6.62 22.76
CA PHE A 201 -9.67 6.20 21.87
C PHE A 201 -9.82 4.76 21.40
N GLN A 202 -9.28 4.51 20.20
CA GLN A 202 -9.37 3.23 19.52
C GLN A 202 -7.98 2.79 19.13
N PHE A 203 -7.64 1.53 19.41
CA PHE A 203 -6.43 0.87 18.89
C PHE A 203 -6.66 0.05 17.61
N TYR A 204 -5.54 -0.25 16.96
CA TYR A 204 -5.51 -0.93 15.66
C TYR A 204 -4.12 -1.53 15.41
N VAL A 205 -4.08 -2.73 14.80
CA VAL A 205 -2.84 -3.47 14.53
C VAL A 205 -2.86 -3.93 13.08
N ASN A 206 -1.77 -3.62 12.36
CA ASN A 206 -1.46 -4.17 11.03
C ASN A 206 0.05 -4.40 10.99
N GLU A 207 0.44 -5.52 10.40
CA GLU A 207 1.86 -5.97 10.28
C GLU A 207 2.77 -5.67 11.48
N GLY A 208 2.44 -6.25 12.64
CA GLY A 208 3.27 -6.14 13.86
C GLY A 208 3.38 -4.75 14.44
N LYS A 209 2.46 -3.87 14.06
CA LYS A 209 2.53 -2.46 14.43
C LYS A 209 1.23 -1.92 15.04
N LEU A 210 1.36 -1.24 16.17
CA LEU A 210 0.19 -0.71 16.89
C LEU A 210 -0.02 0.77 16.63
N SER A 211 -1.24 1.10 16.24
CA SER A 211 -1.68 2.48 16.11
C SER A 211 -2.86 2.83 17.08
N CYS A 212 -3.04 4.14 17.35
CA CYS A 212 -4.10 4.69 18.23
C CYS A 212 -4.69 5.95 17.56
N GLN A 213 -6.03 6.01 17.49
CA GLN A 213 -6.77 7.23 17.12
C GLN A 213 -7.55 7.73 18.32
N LEU A 214 -7.49 9.04 18.52
CA LEU A 214 -8.07 9.69 19.66
C LEU A 214 -9.08 10.72 19.13
N TYR A 215 -10.34 10.57 19.59
CA TYR A 215 -11.37 11.59 19.47
C TYR A 215 -11.47 12.50 20.70
N GLN A 216 -11.11 13.76 20.48
CA GLN A 216 -11.13 14.82 21.48
C GLN A 216 -12.17 15.89 21.10
N ARG A 217 -13.21 16.02 21.93
CA ARG A 217 -14.40 16.88 21.66
C ARG A 217 -14.12 18.39 21.73
N SER A 218 -13.07 18.78 22.48
CA SER A 218 -12.69 20.18 22.70
C SER A 218 -11.20 20.26 22.93
N ALA A 219 -10.53 21.28 22.38
CA ALA A 219 -9.06 21.30 22.31
C ALA A 219 -8.48 22.70 22.36
N ASP A 220 -7.61 22.91 23.34
CA ASP A 220 -6.82 24.13 23.47
C ASP A 220 -5.58 23.96 22.59
N VAL A 221 -5.57 24.72 21.50
CA VAL A 221 -4.66 24.46 20.38
C VAL A 221 -3.24 24.91 20.73
N PHE A 222 -3.08 26.06 21.37
CA PHE A 222 -1.78 26.45 21.82
C PHE A 222 -1.28 25.71 23.08
N LEU A 223 -2.01 25.69 24.19
CA LEU A 223 -1.47 25.04 25.41
C LEU A 223 -1.79 23.56 25.58
N GLY A 224 -2.99 23.13 25.20
CA GLY A 224 -3.42 21.76 25.45
C GLY A 224 -2.96 20.71 24.44
N VAL A 225 -3.12 20.99 23.16
CA VAL A 225 -2.87 20.00 22.08
C VAL A 225 -1.45 19.47 22.13
N PRO A 226 -0.42 20.36 22.21
CA PRO A 226 0.95 19.88 22.39
C PRO A 226 1.09 18.94 23.59
N PHE A 227 0.53 19.33 24.71
CA PHE A 227 0.44 18.46 25.88
C PHE A 227 -0.23 17.11 25.56
N ASN A 228 -1.35 17.14 24.86
CA ASN A 228 -2.09 15.91 24.47
C ASN A 228 -1.48 14.99 23.38
N ILE A 229 -0.70 15.53 22.43
CA ILE A 229 0.02 14.74 21.40
C ILE A 229 1.13 13.85 22.02
N ALA A 230 1.90 14.43 22.93
CA ALA A 230 2.90 13.69 23.69
C ALA A 230 2.28 12.56 24.57
N SER A 231 1.33 12.93 25.42
CA SER A 231 0.56 11.99 26.24
C SER A 231 0.10 10.71 25.50
N TYR A 232 -0.68 10.89 24.44
CA TYR A 232 -1.27 9.78 23.73
C TYR A 232 -0.29 8.99 22.86
N ALA A 233 0.76 9.64 22.39
CA ALA A 233 1.84 8.94 21.70
C ALA A 233 2.64 8.04 22.68
N LEU A 234 2.81 8.53 23.91
CA LEU A 234 3.48 7.77 24.96
C LEU A 234 2.63 6.58 25.36
N LEU A 235 1.33 6.82 25.54
CA LEU A 235 0.36 5.76 25.80
C LEU A 235 0.49 4.63 24.76
N THR A 236 0.48 5.00 23.48
CA THR A 236 0.69 4.09 22.35
C THR A 236 2.02 3.33 22.44
N HIS A 237 3.09 4.05 22.69
CA HIS A 237 4.40 3.43 22.90
C HIS A 237 4.34 2.44 24.08
N LEU A 238 3.74 2.84 25.19
CA LEU A 238 3.60 1.95 26.37
C LEU A 238 2.82 0.65 26.10
N ILE A 239 1.70 0.76 25.39
CA ILE A 239 0.85 -0.38 25.07
C ILE A 239 1.55 -1.28 24.04
N ALA A 240 2.32 -0.68 23.13
CA ALA A 240 3.10 -1.47 22.16
C ALA A 240 4.17 -2.31 22.88
N HIS A 241 4.85 -1.69 23.85
CA HIS A 241 5.85 -2.37 24.71
C HIS A 241 5.23 -3.53 25.51
N GLU A 242 4.13 -3.24 26.19
CA GLU A 242 3.30 -4.22 26.89
C GLU A 242 2.93 -5.45 26.02
N THR A 243 2.59 -5.22 24.75
CA THR A 243 2.12 -6.26 23.87
C THR A 243 3.17 -6.77 22.87
N GLY A 244 4.39 -6.23 22.96
CA GLY A 244 5.52 -6.70 22.14
C GLY A 244 5.48 -6.27 20.68
N LEU A 245 4.84 -5.14 20.40
CA LEU A 245 4.66 -4.62 19.06
C LEU A 245 5.49 -3.37 18.80
N GLU A 246 5.71 -3.11 17.52
CA GLU A 246 6.27 -1.86 17.05
C GLU A 246 5.15 -0.81 17.06
N VAL A 247 5.57 0.45 16.94
CA VAL A 247 4.63 1.56 16.98
C VAL A 247 4.31 1.92 15.54
N GLY A 248 3.06 2.26 15.28
CA GLY A 248 2.65 2.75 13.98
C GLY A 248 2.42 4.24 14.05
N GLU A 249 1.17 4.62 13.86
CA GLU A 249 0.74 6.03 13.90
C GLU A 249 0.01 6.39 15.20
N PHE A 250 0.04 7.64 15.57
CA PHE A 250 -0.95 8.19 16.42
C PHE A 250 -1.78 9.16 15.59
N VAL A 251 -3.09 8.94 15.57
CA VAL A 251 -4.04 9.79 14.84
C VAL A 251 -4.83 10.64 15.85
N HIS A 252 -4.73 11.96 15.70
CA HIS A 252 -5.39 12.93 16.55
C HIS A 252 -6.57 13.59 15.82
N THR A 253 -7.80 13.26 16.25
CA THR A 253 -9.01 13.79 15.65
C THR A 253 -9.67 14.73 16.65
N LEU A 254 -10.01 15.92 16.16
CA LEU A 254 -10.59 17.01 17.01
C LEU A 254 -12.03 17.32 16.60
N GLY A 255 -12.85 17.63 17.60
CA GLY A 255 -14.12 18.27 17.39
C GLY A 255 -13.88 19.77 17.36
N ASP A 256 -14.09 20.40 18.52
CA ASP A 256 -14.03 21.82 18.63
C ASP A 256 -12.61 22.17 18.97
N ALA A 257 -11.88 22.64 17.97
CA ALA A 257 -10.50 23.05 18.17
C ALA A 257 -10.47 24.56 18.19
N HIS A 258 -9.97 25.12 19.28
CA HIS A 258 -10.11 26.55 19.55
C HIS A 258 -8.80 27.15 20.06
N LEU A 259 -8.44 28.30 19.50
CA LEU A 259 -7.28 29.05 19.93
C LEU A 259 -7.73 30.23 20.79
N TYR A 260 -7.22 30.36 22.01
CA TYR A 260 -7.66 31.48 22.88
C TYR A 260 -7.10 32.81 22.34
N GLN A 261 -7.87 33.90 22.43
CA GLN A 261 -7.47 35.15 21.74
C GLN A 261 -6.19 35.82 22.24
N ASN A 262 -5.75 35.49 23.46
CA ASN A 262 -4.42 35.89 23.93
C ASN A 262 -3.39 34.77 23.85
N HIS A 263 -3.66 33.80 22.97
CA HIS A 263 -2.63 32.88 22.47
C HIS A 263 -2.20 33.20 21.02
N VAL A 264 -2.85 34.16 20.39
CA VAL A 264 -2.60 34.56 19.01
C VAL A 264 -1.13 34.95 18.78
N GLU A 265 -0.64 35.87 19.62
CA GLU A 265 0.76 36.38 19.56
C GLU A 265 1.78 35.25 19.79
N GLN A 266 1.42 34.32 20.66
CA GLN A 266 2.22 33.15 20.94
C GLN A 266 2.16 32.15 19.78
N MET A 267 0.99 31.95 19.18
CA MET A 267 0.88 31.07 17.99
C MET A 267 1.67 31.64 16.81
N GLN A 268 1.49 32.93 16.50
CA GLN A 268 2.29 33.60 15.45
C GLN A 268 3.80 33.51 15.68
N GLU A 269 4.23 33.72 16.90
CA GLU A 269 5.65 33.56 17.28
C GLU A 269 6.18 32.14 17.01
N GLN A 270 5.37 31.14 17.30
CA GLN A 270 5.72 29.73 17.00
C GLN A 270 5.83 29.37 15.48
N LEU A 271 4.93 29.92 14.66
CA LEU A 271 4.93 29.64 13.21
C LEU A 271 6.12 30.26 12.46
N SER A 272 6.78 31.23 13.08
CA SER A 272 7.99 31.84 12.54
C SER A 272 9.31 31.09 12.81
N ARG A 273 9.25 29.94 13.48
CA ARG A 273 10.46 29.23 13.94
C ARG A 273 10.64 27.99 13.12
N GLU A 274 11.90 27.67 12.82
CA GLU A 274 12.25 26.53 11.95
C GLU A 274 12.10 25.18 12.73
N VAL A 275 11.12 24.38 12.32
CA VAL A 275 10.93 22.98 12.75
C VAL A 275 12.26 22.24 12.93
N ARG A 276 12.41 21.50 14.02
CA ARG A 276 13.52 20.55 14.19
C ARG A 276 13.02 19.09 14.17
N SER A 277 13.99 18.17 14.16
CA SER A 277 13.70 16.74 14.32
C SER A 277 13.06 16.49 15.66
N PHE A 278 11.94 15.76 15.67
CA PHE A 278 11.47 15.09 16.87
C PHE A 278 12.58 14.25 17.50
N PRO A 279 12.55 14.09 18.82
CA PRO A 279 13.48 13.22 19.54
C PRO A 279 13.04 11.76 19.55
N THR A 280 13.81 10.93 20.26
CA THR A 280 13.57 9.49 20.42
C THR A 280 13.14 9.16 21.85
N LEU A 281 12.00 8.49 21.98
CA LEU A 281 11.60 7.92 23.24
C LEU A 281 12.44 6.69 23.48
N VAL A 282 12.83 6.50 24.74
CA VAL A 282 13.53 5.29 25.17
C VAL A 282 12.89 4.71 26.43
N LEU A 283 12.30 3.53 26.27
CA LEU A 283 11.65 2.84 27.36
C LEU A 283 12.59 1.78 27.89
N ASN A 284 12.63 1.63 29.21
CA ASN A 284 13.48 0.62 29.89
C ASN A 284 13.08 -0.77 29.38
N PRO A 285 13.97 -1.48 28.65
CA PRO A 285 13.65 -2.84 28.19
C PRO A 285 13.69 -3.93 29.27
N ASP A 286 14.22 -3.61 30.45
CA ASP A 286 14.32 -4.58 31.56
C ASP A 286 13.07 -4.73 32.42
N LYS A 287 12.14 -3.78 32.35
CA LYS A 287 10.80 -3.96 32.94
C LYS A 287 9.83 -4.50 31.89
N ALA A 288 9.29 -5.68 32.16
CA ALA A 288 8.30 -6.30 31.27
C ALA A 288 6.99 -5.49 31.16
N SER A 289 6.27 -5.33 32.26
CA SER A 289 4.98 -4.64 32.21
C SER A 289 5.02 -3.16 32.52
N VAL A 290 4.17 -2.45 31.81
CA VAL A 290 4.10 -1.01 31.86
C VAL A 290 3.41 -0.51 33.14
N PHE A 291 2.57 -1.35 33.72
CA PHE A 291 2.01 -1.04 35.04
C PHE A 291 3.03 -1.04 36.20
N ASP A 292 4.32 -1.32 35.92
CA ASP A 292 5.43 -1.12 36.89
C ASP A 292 6.33 0.09 36.56
N PHE A 293 6.06 0.78 35.44
CA PHE A 293 6.91 1.90 35.01
C PHE A 293 6.75 3.10 35.93
N ASP A 294 7.88 3.62 36.42
CA ASP A 294 7.95 4.89 37.16
C ASP A 294 8.71 5.92 36.33
N MET A 295 8.74 7.17 36.80
CA MET A 295 9.37 8.30 36.10
C MET A 295 10.69 7.92 35.46
N GLU A 296 11.60 7.35 36.25
CA GLU A 296 12.95 6.99 35.80
C GLU A 296 13.08 6.06 34.57
N ASP A 297 12.00 5.34 34.24
CA ASP A 297 12.00 4.34 33.15
C ASP A 297 11.55 4.86 31.79
N ILE A 298 11.22 6.15 31.69
CA ILE A 298 10.84 6.75 30.43
C ILE A 298 11.75 7.95 30.14
N LYS A 299 12.52 7.87 29.06
CA LYS A 299 13.48 8.91 28.70
C LYS A 299 13.27 9.39 27.27
N VAL A 300 13.46 10.69 27.07
CA VAL A 300 13.49 11.30 25.73
C VAL A 300 14.94 11.71 25.41
N GLU A 301 15.46 11.23 24.29
CA GLU A 301 16.80 11.60 23.84
C GLU A 301 16.80 12.52 22.60
N GLY A 302 17.78 13.39 22.52
CA GLY A 302 17.96 14.25 21.37
C GLY A 302 16.99 15.41 21.35
N TYR A 303 16.38 15.75 22.49
CA TYR A 303 15.37 16.80 22.52
C TYR A 303 16.01 18.18 22.58
N ASP A 304 15.92 18.89 21.46
CA ASP A 304 16.56 20.19 21.23
C ASP A 304 15.47 21.17 20.81
N PRO A 305 14.55 21.55 21.73
CA PRO A 305 13.49 22.47 21.36
C PRO A 305 13.93 23.91 21.40
N HIS A 306 13.23 24.76 20.65
CA HIS A 306 13.37 26.22 20.79
C HIS A 306 12.93 26.62 22.21
N PRO A 307 13.23 27.86 22.67
CA PRO A 307 12.79 28.32 24.01
C PRO A 307 11.28 28.21 24.32
N THR A 308 11.01 27.82 25.56
CA THR A 308 9.71 28.01 26.21
C THR A 308 9.00 29.32 25.78
N ILE A 309 7.73 29.21 25.34
CA ILE A 309 6.86 30.37 25.08
C ILE A 309 5.84 30.42 26.21
N LYS A 310 5.75 31.55 26.93
CA LYS A 310 4.78 31.72 28.03
C LYS A 310 3.43 32.23 27.51
N ALA A 311 2.37 31.98 28.28
CA ALA A 311 0.98 32.36 27.91
C ALA A 311 0.02 32.16 29.10
N PRO A 312 -1.13 32.87 29.12
CA PRO A 312 -2.15 32.58 30.15
C PRO A 312 -2.87 31.24 29.97
N ILE A 313 -3.42 30.72 31.06
CA ILE A 313 -4.23 29.48 31.07
C ILE A 313 -5.52 29.63 31.90
N MET B 1 19.07 0.24 1.49
CA MET B 1 19.86 0.52 2.72
C MET B 1 21.26 -0.07 2.59
N GLU B 2 22.22 0.55 3.27
CA GLU B 2 23.60 0.05 3.25
C GLU B 2 23.75 -1.36 3.85
N GLU B 3 22.84 -1.70 4.75
CA GLU B 3 22.77 -3.04 5.33
C GLU B 3 22.48 -4.12 4.27
N ALA B 4 21.78 -3.75 3.19
CA ALA B 4 21.53 -4.68 2.06
C ALA B 4 22.82 -5.04 1.29
N TYR B 5 23.73 -4.09 1.14
CA TYR B 5 25.04 -4.35 0.56
C TYR B 5 25.91 -5.24 1.50
N LEU B 6 25.88 -4.95 2.79
CA LEU B 6 26.67 -5.72 3.79
C LEU B 6 26.23 -7.17 3.96
N ALA B 7 24.91 -7.41 3.87
CA ALA B 7 24.31 -8.74 3.77
C ALA B 7 24.85 -9.51 2.56
N LEU B 8 24.92 -8.85 1.40
CA LEU B 8 25.46 -9.45 0.16
C LEU B 8 26.88 -9.96 0.35
N GLY B 9 27.72 -9.11 0.96
CA GLY B 9 29.13 -9.45 1.24
C GLY B 9 29.28 -10.64 2.16
N LYS B 10 28.61 -10.55 3.33
CA LYS B 10 28.51 -11.62 4.37
C LYS B 10 27.99 -12.97 3.83
N LYS B 11 26.90 -12.94 3.08
CA LYS B 11 26.36 -14.14 2.40
C LYS B 11 27.32 -14.80 1.39
N ILE B 12 28.11 -13.99 0.70
CA ILE B 12 29.12 -14.53 -0.21
C ILE B 12 30.24 -15.19 0.59
N LEU B 13 30.62 -14.56 1.70
CA LEU B 13 31.69 -15.10 2.55
C LEU B 13 31.33 -16.44 3.20
N GLU B 14 30.07 -16.60 3.54
CA GLU B 14 29.57 -17.80 4.22
C GLU B 14 29.07 -18.89 3.27
N GLU B 15 28.52 -18.50 2.11
CA GLU B 15 27.83 -19.42 1.16
C GLU B 15 28.30 -19.35 -0.31
N GLY B 16 29.18 -18.44 -0.68
CA GLY B 16 29.57 -18.27 -2.10
C GLY B 16 30.32 -19.49 -2.62
N HIS B 17 30.22 -19.76 -3.93
CA HIS B 17 30.89 -20.89 -4.61
C HIS B 17 32.31 -20.54 -5.13
N PHE B 18 33.30 -21.33 -4.73
CA PHE B 18 34.70 -21.07 -5.09
C PHE B 18 35.03 -21.55 -6.51
N LYS B 19 35.72 -20.71 -7.26
CA LYS B 19 36.19 -21.06 -8.60
C LYS B 19 37.57 -20.47 -8.75
N GLU B 20 38.47 -21.21 -9.38
CA GLU B 20 39.84 -20.75 -9.61
C GLU B 20 39.97 -20.68 -11.12
N ASP B 21 40.04 -19.48 -11.68
CA ASP B 21 39.91 -19.36 -13.15
C ASP B 21 41.17 -19.78 -13.95
N ARG B 22 41.06 -19.68 -15.28
CA ARG B 22 42.16 -19.83 -16.25
C ARG B 22 43.53 -19.33 -15.74
N THR B 23 43.54 -18.07 -15.31
CA THR B 23 44.75 -17.38 -14.87
C THR B 23 45.15 -17.70 -13.41
N GLY B 24 44.22 -18.21 -12.61
CA GLY B 24 44.49 -18.56 -11.20
C GLY B 24 43.80 -17.70 -10.14
N THR B 25 42.98 -16.73 -10.58
CA THR B 25 42.23 -15.86 -9.66
C THR B 25 41.08 -16.63 -8.99
N GLY B 26 41.03 -16.56 -7.66
CA GLY B 26 39.93 -17.14 -6.87
C GLY B 26 38.78 -16.16 -6.65
N THR B 27 37.55 -16.69 -6.71
CA THR B 27 36.33 -15.92 -6.48
C THR B 27 35.27 -16.77 -5.79
N TYR B 28 34.59 -16.18 -4.80
CA TYR B 28 33.44 -16.80 -4.17
C TYR B 28 32.21 -16.12 -4.77
N SER B 29 31.26 -16.91 -5.28
CA SER B 29 30.11 -16.35 -6.00
C SER B 29 28.76 -16.92 -5.61
N LEU B 30 27.73 -16.11 -5.85
CA LEU B 30 26.35 -16.59 -5.98
C LEU B 30 25.71 -15.94 -7.21
N PHE B 31 24.51 -16.42 -7.55
CA PHE B 31 23.83 -16.06 -8.80
C PHE B 31 22.40 -15.57 -8.53
N GLY B 32 22.14 -14.31 -8.86
CA GLY B 32 20.85 -13.73 -8.62
C GLY B 32 20.81 -13.09 -7.25
N TYR B 33 20.78 -11.78 -7.23
CA TYR B 33 20.66 -11.04 -6.01
C TYR B 33 19.92 -9.74 -6.29
N GLN B 34 19.11 -9.27 -5.34
CA GLN B 34 18.43 -8.00 -5.53
C GLN B 34 18.61 -7.13 -4.29
N MET B 35 19.07 -5.89 -4.52
CA MET B 35 19.17 -4.85 -3.50
C MET B 35 18.31 -3.65 -3.92
N ARG B 36 17.63 -3.03 -2.95
CA ARG B 36 16.83 -1.81 -3.19
C ARG B 36 17.43 -0.63 -2.43
N PHE B 37 17.29 0.57 -2.99
CA PHE B 37 17.74 1.79 -2.31
C PHE B 37 16.69 2.86 -2.41
N ASP B 38 16.00 3.18 -1.31
CA ASP B 38 15.09 4.35 -1.27
C ASP B 38 15.93 5.62 -1.23
N LEU B 39 15.84 6.38 -2.30
CA LEU B 39 16.67 7.54 -2.49
C LEU B 39 16.17 8.71 -1.66
N ALA B 40 14.89 8.69 -1.26
CA ALA B 40 14.38 9.63 -0.25
C ALA B 40 15.13 9.49 1.08
N LYS B 41 15.51 8.27 1.46
CA LYS B 41 16.26 8.01 2.71
C LYS B 41 17.73 8.42 2.71
N GLY B 42 18.26 8.87 1.58
CA GLY B 42 19.65 9.29 1.50
C GLY B 42 20.29 8.77 0.23
N PHE B 43 21.32 9.46 -0.21
CA PHE B 43 22.06 9.10 -1.39
C PHE B 43 23.03 7.96 -1.04
N PRO B 44 22.91 6.81 -1.74
CA PRO B 44 23.60 5.56 -1.33
C PRO B 44 25.11 5.46 -1.65
N LEU B 45 25.88 6.32 -1.01
CA LEU B 45 27.33 6.32 -1.06
C LEU B 45 27.78 5.73 0.27
N LEU B 46 28.47 4.59 0.20
CA LEU B 46 28.77 3.71 1.37
C LEU B 46 29.54 4.42 2.47
N THR B 47 28.99 4.39 3.69
CA THR B 47 29.68 4.97 4.83
C THR B 47 30.75 4.05 5.39
N THR B 48 30.57 2.73 5.22
CA THR B 48 31.47 1.76 5.87
C THR B 48 32.89 1.75 5.31
N LYS B 49 33.07 2.33 4.13
CA LYS B 49 34.39 2.71 3.62
C LYS B 49 34.21 3.93 2.75
N ARG B 50 35.28 4.70 2.59
CA ARG B 50 35.26 5.87 1.71
C ARG B 50 35.12 5.39 0.25
N VAL B 51 34.19 6.02 -0.47
CA VAL B 51 33.96 5.82 -1.89
C VAL B 51 34.23 7.19 -2.56
N PRO B 52 35.11 7.24 -3.58
CA PRO B 52 35.49 8.54 -4.18
C PRO B 52 34.50 9.01 -5.24
N PHE B 53 33.72 10.01 -4.88
CA PHE B 53 32.59 10.44 -5.68
C PHE B 53 32.96 11.25 -6.94
N GLY B 54 34.07 11.99 -6.90
CA GLY B 54 34.54 12.71 -8.09
C GLY B 54 34.64 11.80 -9.29
N LEU B 55 35.39 10.72 -9.12
CA LEU B 55 35.54 9.69 -10.12
C LEU B 55 34.21 9.11 -10.65
N ILE B 56 33.23 8.89 -9.77
CA ILE B 56 31.93 8.39 -10.21
C ILE B 56 31.21 9.41 -11.06
N LYS B 57 31.25 10.68 -10.65
CA LYS B 57 30.49 11.72 -11.32
C LYS B 57 31.03 12.13 -12.68
N SER B 58 32.36 12.12 -12.85
CA SER B 58 32.91 12.47 -14.16
C SER B 58 32.63 11.35 -15.15
N GLU B 59 32.60 10.12 -14.64
CA GLU B 59 32.40 8.92 -15.48
C GLU B 59 30.96 8.92 -15.97
N LEU B 60 30.04 9.13 -15.04
CA LEU B 60 28.62 9.20 -15.35
C LEU B 60 28.27 10.34 -16.30
N LEU B 61 28.82 11.53 -16.07
CA LEU B 61 28.68 12.65 -17.02
C LEU B 61 29.17 12.35 -18.45
N TRP B 62 30.33 11.73 -18.54
CA TRP B 62 30.95 11.30 -19.81
C TRP B 62 30.06 10.29 -20.54
N PHE B 63 29.55 9.32 -19.80
CA PHE B 63 28.54 8.41 -20.31
C PHE B 63 27.32 9.18 -20.76
N LEU B 64 26.84 10.07 -19.89
CA LEU B 64 25.58 10.79 -20.09
C LEU B 64 25.56 11.68 -21.32
N LYS B 65 26.70 12.25 -21.66
CA LYS B 65 26.76 13.16 -22.81
C LYS B 65 27.28 12.51 -24.10
N GLY B 66 27.30 11.17 -24.13
CA GLY B 66 27.65 10.41 -25.32
C GLY B 66 29.11 10.32 -25.68
N ASP B 67 29.99 10.89 -24.85
CA ASP B 67 31.40 11.05 -25.22
C ASP B 67 32.15 9.74 -25.02
N THR B 68 33.00 9.40 -25.98
CA THR B 68 33.78 8.18 -25.87
C THR B 68 35.28 8.42 -26.11
N ASN B 69 35.69 9.65 -25.82
CA ASN B 69 37.06 10.12 -25.85
C ASN B 69 37.57 10.47 -24.43
N ILE B 70 38.77 10.01 -24.06
CA ILE B 70 39.28 10.23 -22.69
C ILE B 70 39.66 11.66 -22.30
N ARG B 71 39.72 12.57 -23.27
CA ARG B 71 40.06 13.98 -23.02
C ARG B 71 39.23 14.59 -21.88
N TYR B 72 37.91 14.41 -21.98
CA TYR B 72 36.95 14.86 -20.98
C TYR B 72 37.32 14.32 -19.59
N LEU B 73 37.63 13.03 -19.53
CA LEU B 73 37.96 12.38 -18.26
C LEU B 73 39.26 12.91 -17.71
N LEU B 74 40.26 12.99 -18.58
CA LEU B 74 41.57 13.54 -18.25
C LEU B 74 41.55 14.99 -17.75
N GLU B 75 40.74 15.84 -18.39
CA GLU B 75 40.52 17.25 -17.97
C GLU B 75 40.06 17.39 -16.51
N ARG B 76 39.40 16.32 -16.02
CA ARG B 76 38.78 16.23 -14.70
C ARG B 76 39.46 15.18 -13.78
N ASN B 77 40.67 14.72 -14.13
CA ASN B 77 41.50 13.84 -13.30
C ASN B 77 40.93 12.46 -13.04
N ASN B 78 40.11 12.00 -13.96
CA ASN B 78 39.64 10.63 -13.95
C ASN B 78 40.60 9.88 -14.85
N HIS B 79 41.25 8.85 -14.30
CA HIS B 79 42.25 8.02 -15.02
C HIS B 79 41.88 6.55 -15.26
N ILE B 80 40.73 6.12 -14.75
CA ILE B 80 40.34 4.70 -14.76
C ILE B 80 40.10 4.07 -16.14
N TRP B 81 39.93 4.87 -17.19
CA TRP B 81 39.91 4.40 -18.61
C TRP B 81 41.22 4.67 -19.38
N ASP B 82 42.35 4.84 -18.69
CA ASP B 82 43.69 5.08 -19.33
C ASP B 82 44.44 3.83 -19.88
N GLU B 83 44.06 2.63 -19.42
CA GLU B 83 44.82 1.40 -19.70
C GLU B 83 44.76 0.95 -21.16
N TRP B 84 43.56 0.88 -21.73
CA TRP B 84 43.41 0.47 -23.14
C TRP B 84 44.15 1.44 -24.07
N ALA B 85 43.85 2.73 -23.95
CA ALA B 85 44.33 3.76 -24.87
C ALA B 85 45.83 4.07 -24.81
N PHE B 86 46.47 3.91 -23.65
CA PHE B 86 47.94 4.08 -23.54
C PHE B 86 48.67 2.87 -24.12
N GLU B 87 48.22 1.67 -23.73
CA GLU B 87 48.68 0.42 -24.35
C GLU B 87 48.49 0.49 -25.87
N ARG B 88 47.31 0.94 -26.31
CA ARG B 88 47.03 1.22 -27.73
C ARG B 88 48.16 2.05 -28.30
N TYR B 89 48.41 3.20 -27.68
CA TYR B 89 49.35 4.20 -28.20
C TYR B 89 50.81 3.70 -28.37
N VAL B 90 51.33 2.92 -27.43
CA VAL B 90 52.73 2.48 -27.53
C VAL B 90 52.99 1.37 -28.58
N LYS B 91 52.20 1.36 -29.67
CA LYS B 91 52.34 0.38 -30.74
C LYS B 91 52.64 1.08 -32.07
N SER B 92 51.71 1.91 -32.55
CA SER B 92 51.95 2.68 -33.81
C SER B 92 53.09 3.70 -33.69
N GLU B 133 43.73 17.58 -30.89
CA GLU B 133 43.75 17.28 -32.33
C GLU B 133 44.37 15.89 -32.63
N PHE B 134 45.59 15.68 -32.12
CA PHE B 134 46.19 14.35 -31.89
C PHE B 134 45.17 13.38 -31.29
N ALA B 135 44.51 13.81 -30.21
CA ALA B 135 43.52 13.02 -29.47
C ALA B 135 42.31 12.52 -30.29
N GLU B 136 41.89 13.26 -31.32
CA GLU B 136 40.83 12.81 -32.24
C GLU B 136 41.29 11.48 -32.86
N LYS B 137 42.42 11.53 -33.55
CA LYS B 137 42.96 10.37 -34.24
C LYS B 137 43.36 9.24 -33.26
N TYR B 138 43.85 9.56 -32.06
CA TYR B 138 44.46 8.53 -31.19
C TYR B 138 43.92 8.52 -29.74
N GLY B 139 42.65 8.86 -29.53
CA GLY B 139 42.05 8.88 -28.18
C GLY B 139 40.59 8.42 -28.00
N GLU B 140 39.93 7.98 -29.07
CA GLU B 140 38.58 7.42 -28.98
C GLU B 140 38.71 5.98 -28.53
N LEU B 141 37.79 5.53 -27.69
CA LEU B 141 37.70 4.12 -27.27
C LEU B 141 36.59 3.37 -28.00
N GLY B 142 35.67 4.14 -28.61
CA GLY B 142 34.57 3.60 -29.40
C GLY B 142 33.47 2.89 -28.63
N ASN B 143 33.39 1.58 -28.87
CA ASN B 143 32.25 0.72 -28.51
C ASN B 143 32.01 0.54 -27.00
N ILE B 144 31.59 1.62 -26.33
CA ILE B 144 31.43 1.63 -24.84
C ILE B 144 30.16 2.39 -24.40
N TYR B 145 29.93 2.52 -23.09
CA TYR B 145 28.60 2.93 -22.58
C TYR B 145 28.03 4.20 -23.22
N GLY B 146 28.88 5.19 -23.46
CA GLY B 146 28.43 6.44 -24.06
C GLY B 146 27.83 6.25 -25.44
N ALA B 147 28.47 5.43 -26.25
CA ALA B 147 28.02 5.15 -27.62
C ALA B 147 26.76 4.30 -27.60
N GLN B 148 26.78 3.26 -26.77
CA GLN B 148 25.64 2.35 -26.61
C GLN B 148 24.39 3.05 -26.04
N TRP B 149 24.58 3.97 -25.11
CA TRP B 149 23.45 4.74 -24.57
C TRP B 149 22.85 5.78 -25.48
N ARG B 150 23.68 6.43 -26.31
CA ARG B 150 23.28 7.64 -27.05
C ARG B 150 23.34 7.51 -28.60
N HIS B 151 23.86 6.39 -29.12
CA HIS B 151 24.25 6.27 -30.54
C HIS B 151 24.39 4.80 -31.01
N TRP B 152 23.27 4.06 -31.04
CA TRP B 152 23.23 2.62 -31.33
C TRP B 152 23.01 2.48 -32.83
N GLU B 153 24.04 2.04 -33.55
CA GLU B 153 23.98 1.97 -35.02
C GLU B 153 22.98 0.94 -35.48
N THR B 154 22.12 1.31 -36.41
CA THR B 154 21.16 0.38 -37.03
C THR B 154 21.78 -0.14 -38.33
N LYS B 155 21.17 -1.19 -38.88
CA LYS B 155 21.64 -1.83 -40.13
C LYS B 155 21.76 -0.85 -41.31
N ASP B 156 20.81 0.08 -41.47
CA ASP B 156 20.84 1.04 -42.59
C ASP B 156 21.77 2.27 -42.41
N GLY B 157 22.55 2.29 -41.33
CA GLY B 157 23.56 3.33 -41.09
C GLY B 157 23.15 4.50 -40.20
N SER B 158 21.85 4.66 -39.90
CA SER B 158 21.39 5.68 -38.93
C SER B 158 21.50 5.10 -37.54
N PHE B 159 21.24 5.94 -36.55
CA PHE B 159 21.56 5.66 -35.14
C PHE B 159 20.37 5.93 -34.26
N ILE B 160 20.17 5.08 -33.25
CA ILE B 160 19.14 5.27 -32.20
C ILE B 160 19.73 5.88 -30.91
N ASP B 161 19.11 6.96 -30.44
CA ASP B 161 19.45 7.56 -29.16
C ASP B 161 18.47 7.10 -28.07
N GLN B 162 18.80 5.96 -27.45
CA GLN B 162 18.03 5.33 -26.38
C GLN B 162 17.80 6.28 -25.19
N LEU B 163 18.89 6.82 -24.67
CA LEU B 163 18.83 7.61 -23.45
C LEU B 163 18.01 8.88 -23.63
N ALA B 164 18.17 9.56 -24.77
CA ALA B 164 17.33 10.71 -25.09
C ALA B 164 15.87 10.32 -25.32
N ASN B 165 15.62 9.22 -26.05
CA ASN B 165 14.25 8.71 -26.28
C ASN B 165 13.49 8.34 -25.00
N VAL B 166 14.19 7.73 -24.07
CA VAL B 166 13.59 7.30 -22.79
C VAL B 166 13.23 8.51 -21.92
N ILE B 167 14.10 9.50 -21.89
CA ILE B 167 13.78 10.77 -21.20
C ILE B 167 12.47 11.42 -21.71
N GLU B 168 12.25 11.35 -23.03
CA GLU B 168 11.08 11.92 -23.68
C GLU B 168 9.79 11.10 -23.44
N MET B 169 9.90 9.78 -23.36
CA MET B 169 8.74 8.94 -23.04
C MET B 169 8.31 9.19 -21.61
N ILE B 170 9.27 9.41 -20.72
CA ILE B 170 8.92 9.68 -19.33
C ILE B 170 8.03 10.93 -19.21
N LYS B 171 8.43 12.03 -19.85
CA LYS B 171 7.64 13.30 -19.85
C LYS B 171 6.23 13.10 -20.43
N THR B 172 6.12 12.36 -21.54
CA THR B 172 4.87 12.27 -22.31
C THR B 172 4.04 11.00 -22.01
N ASN B 173 4.68 9.96 -21.48
CA ASN B 173 4.01 8.68 -21.16
C ASN B 173 4.66 8.02 -19.94
N PRO B 174 4.55 8.63 -18.76
CA PRO B 174 5.25 8.07 -17.59
C PRO B 174 4.84 6.62 -17.17
N ASP B 175 3.62 6.22 -17.48
CA ASP B 175 3.11 4.89 -17.26
C ASP B 175 3.73 3.84 -18.18
N SER B 176 4.43 4.24 -19.24
CA SER B 176 5.09 3.26 -20.10
C SER B 176 5.81 2.17 -19.31
N ARG B 177 5.61 0.92 -19.72
CA ARG B 177 6.43 -0.22 -19.28
C ARG B 177 7.65 -0.51 -20.17
N ARG B 178 7.98 0.42 -21.08
CA ARG B 178 9.02 0.21 -22.08
C ARG B 178 10.21 1.11 -21.95
N LEU B 179 10.35 1.79 -20.81
CA LEU B 179 11.48 2.69 -20.56
C LEU B 179 12.83 1.95 -20.39
N ILE B 180 13.35 1.36 -21.46
CA ILE B 180 14.49 0.43 -21.37
C ILE B 180 15.66 1.00 -22.13
N VAL B 181 16.86 0.89 -21.58
CA VAL B 181 18.11 1.21 -22.27
C VAL B 181 19.02 -0.02 -22.18
N SER B 182 19.40 -0.55 -23.34
CA SER B 182 20.25 -1.71 -23.44
C SER B 182 21.71 -1.33 -23.81
N ALA B 183 22.68 -1.98 -23.16
CA ALA B 183 24.09 -1.78 -23.50
C ALA B 183 24.65 -3.00 -24.25
N TRP B 184 23.79 -4.02 -24.43
CA TRP B 184 24.21 -5.35 -24.87
C TRP B 184 23.77 -5.63 -26.30
N ASN B 185 24.72 -5.69 -27.22
CA ASN B 185 24.50 -6.06 -28.60
C ASN B 185 25.28 -7.33 -28.92
N PRO B 186 24.58 -8.41 -29.29
CA PRO B 186 25.24 -9.68 -29.62
C PRO B 186 26.18 -9.64 -30.85
N GLU B 187 25.88 -8.78 -31.81
CA GLU B 187 26.70 -8.60 -32.98
C GLU B 187 28.12 -8.05 -32.68
N ASP B 188 28.25 -7.29 -31.58
CA ASP B 188 29.52 -6.63 -31.22
C ASP B 188 30.25 -7.17 -29.99
N VAL B 189 29.57 -7.94 -29.14
CA VAL B 189 30.17 -8.42 -27.86
C VAL B 189 31.38 -9.41 -27.97
N PRO B 190 31.37 -10.34 -28.94
CA PRO B 190 32.50 -11.28 -29.02
C PRO B 190 33.85 -10.68 -29.41
N SER B 191 33.84 -9.46 -29.94
CA SER B 191 35.06 -8.77 -30.36
C SER B 191 35.37 -7.53 -29.52
N MET B 192 34.77 -7.43 -28.33
CA MET B 192 34.96 -6.27 -27.44
C MET B 192 36.07 -6.47 -26.43
N ALA B 193 36.76 -5.37 -26.13
CA ALA B 193 37.74 -5.32 -25.06
C ALA B 193 37.12 -5.81 -23.74
N LEU B 194 36.26 -4.97 -23.13
CA LEU B 194 35.41 -5.37 -22.00
C LEU B 194 33.94 -5.30 -22.45
N PRO B 195 33.29 -6.46 -22.62
CA PRO B 195 31.83 -6.44 -22.77
C PRO B 195 31.18 -5.77 -21.54
N PRO B 196 30.12 -4.97 -21.77
CA PRO B 196 29.56 -4.17 -20.68
C PRO B 196 28.97 -4.98 -19.53
N CYS B 197 29.48 -4.70 -18.33
CA CYS B 197 28.98 -5.34 -17.10
C CYS B 197 27.57 -4.85 -16.78
N HIS B 198 27.27 -3.62 -17.13
CA HIS B 198 25.98 -3.03 -16.83
C HIS B 198 25.11 -3.19 -18.04
N THR B 199 24.34 -4.26 -17.99
CA THR B 199 23.77 -4.87 -19.19
C THR B 199 22.54 -4.16 -19.78
N MET B 200 21.69 -3.65 -18.89
CA MET B 200 20.36 -3.14 -19.27
C MET B 200 19.77 -2.41 -18.06
N PHE B 201 19.04 -1.33 -18.29
CA PHE B 201 18.28 -0.70 -17.23
C PHE B 201 16.93 -0.19 -17.70
N GLN B 202 16.02 -0.13 -16.73
CA GLN B 202 14.64 0.23 -16.93
C GLN B 202 14.22 1.32 -15.92
N PHE B 203 13.53 2.34 -16.43
CA PHE B 203 12.90 3.34 -15.57
C PHE B 203 11.43 3.00 -15.34
N TYR B 204 10.87 3.67 -14.36
CA TYR B 204 9.54 3.40 -13.90
C TYR B 204 9.08 4.62 -13.12
N VAL B 205 7.84 5.08 -13.39
CA VAL B 205 7.26 6.25 -12.70
C VAL B 205 6.02 5.84 -11.96
N ASN B 206 5.88 6.32 -10.73
CA ASN B 206 4.64 6.14 -9.95
C ASN B 206 4.49 7.23 -8.91
N GLU B 207 3.29 7.85 -8.86
CA GLU B 207 2.98 9.08 -8.08
C GLU B 207 4.10 10.13 -8.03
N GLY B 208 4.50 10.59 -9.20
CA GLY B 208 5.52 11.62 -9.34
C GLY B 208 6.90 11.25 -8.81
N LYS B 209 7.18 9.96 -8.69
CA LYS B 209 8.51 9.48 -8.32
C LYS B 209 9.08 8.58 -9.41
N LEU B 210 10.35 8.81 -9.75
CA LEU B 210 11.07 8.01 -10.76
C LEU B 210 11.91 6.96 -10.09
N SER B 211 11.79 5.71 -10.52
CA SER B 211 12.70 4.64 -10.09
C SER B 211 13.42 4.04 -11.30
N CYS B 212 14.57 3.38 -11.02
CA CYS B 212 15.47 2.72 -12.02
C CYS B 212 15.93 1.34 -11.51
N GLN B 213 15.78 0.31 -12.36
CA GLN B 213 16.40 -0.99 -12.10
C GLN B 213 17.51 -1.22 -13.11
N LEU B 214 18.64 -1.73 -12.63
CA LEU B 214 19.71 -2.20 -13.48
C LEU B 214 19.87 -3.72 -13.37
N TYR B 215 20.07 -4.36 -14.52
CA TYR B 215 20.61 -5.71 -14.57
C TYR B 215 22.13 -5.71 -14.88
N GLN B 216 22.93 -6.06 -13.89
CA GLN B 216 24.38 -6.25 -13.98
C GLN B 216 24.71 -7.75 -14.06
N ARG B 217 25.10 -8.20 -15.25
CA ARG B 217 25.46 -9.61 -15.50
C ARG B 217 26.67 -10.12 -14.70
N SER B 218 27.50 -9.19 -14.20
CA SER B 218 28.73 -9.54 -13.50
C SER B 218 29.23 -8.44 -12.57
N ALA B 219 29.49 -8.79 -11.33
CA ALA B 219 29.71 -7.81 -10.26
C ALA B 219 30.90 -8.15 -9.35
N ASP B 220 31.86 -7.22 -9.33
CA ASP B 220 32.97 -7.24 -8.39
C ASP B 220 32.44 -6.59 -7.11
N VAL B 221 32.22 -7.42 -6.09
CA VAL B 221 31.32 -7.11 -4.97
C VAL B 221 31.99 -6.17 -3.99
N PHE B 222 33.30 -6.31 -3.78
CA PHE B 222 34.02 -5.33 -2.96
C PHE B 222 34.34 -4.01 -3.70
N LEU B 223 34.92 -4.08 -4.89
CA LEU B 223 35.42 -2.86 -5.56
C LEU B 223 34.39 -2.21 -6.52
N GLY B 224 33.73 -3.03 -7.35
CA GLY B 224 32.82 -2.52 -8.37
C GLY B 224 31.46 -2.08 -7.84
N VAL B 225 30.83 -2.94 -7.06
CA VAL B 225 29.45 -2.72 -6.63
C VAL B 225 29.19 -1.37 -5.94
N PRO B 226 30.04 -0.97 -4.96
CA PRO B 226 29.89 0.38 -4.35
C PRO B 226 29.97 1.51 -5.34
N PHE B 227 30.95 1.44 -6.25
CA PHE B 227 30.99 2.37 -7.37
C PHE B 227 29.66 2.48 -8.07
N ASN B 228 29.16 1.34 -8.52
CA ASN B 228 27.94 1.29 -9.35
C ASN B 228 26.59 1.61 -8.68
N ILE B 229 26.46 1.39 -7.36
CA ILE B 229 25.27 1.90 -6.66
C ILE B 229 25.28 3.43 -6.72
N ALA B 230 26.39 4.04 -6.36
CA ALA B 230 26.49 5.48 -6.49
C ALA B 230 26.18 5.95 -7.93
N SER B 231 26.90 5.37 -8.88
CA SER B 231 26.74 5.68 -10.28
C SER B 231 25.28 5.70 -10.71
N TYR B 232 24.58 4.57 -10.58
CA TYR B 232 23.22 4.48 -11.12
C TYR B 232 22.17 5.25 -10.31
N ALA B 233 22.40 5.35 -9.01
CA ALA B 233 21.67 6.29 -8.15
C ALA B 233 21.87 7.77 -8.55
N LEU B 234 23.07 8.13 -8.96
CA LEU B 234 23.29 9.48 -9.48
C LEU B 234 22.50 9.65 -10.77
N LEU B 235 22.56 8.66 -11.66
CA LEU B 235 21.79 8.68 -12.93
C LEU B 235 20.28 8.95 -12.73
N THR B 236 19.69 8.23 -11.78
CA THR B 236 18.29 8.40 -11.41
C THR B 236 17.97 9.82 -10.97
N HIS B 237 18.78 10.35 -10.06
CA HIS B 237 18.65 11.72 -9.61
C HIS B 237 18.69 12.71 -10.78
N LEU B 238 19.61 12.49 -11.72
CA LEU B 238 19.84 13.37 -12.90
C LEU B 238 18.67 13.32 -13.89
N ILE B 239 18.13 12.12 -14.13
CA ILE B 239 16.93 11.97 -14.97
C ILE B 239 15.65 12.43 -14.25
N ALA B 240 15.61 12.32 -12.92
CA ALA B 240 14.51 12.86 -12.11
C ALA B 240 14.45 14.39 -12.18
N HIS B 241 15.62 15.02 -12.10
CA HIS B 241 15.76 16.47 -12.27
C HIS B 241 15.38 16.93 -13.68
N GLU B 242 15.76 16.18 -14.70
CA GLU B 242 15.40 16.49 -16.10
C GLU B 242 13.88 16.45 -16.39
N THR B 243 13.20 15.45 -15.85
CA THR B 243 11.82 15.14 -16.22
C THR B 243 10.77 15.78 -15.33
N GLY B 244 11.19 16.55 -14.34
CA GLY B 244 10.27 17.21 -13.43
C GLY B 244 9.80 16.38 -12.26
N LEU B 245 10.57 15.34 -11.91
CA LEU B 245 10.11 14.36 -10.91
C LEU B 245 10.96 14.24 -9.65
N GLU B 246 10.31 13.69 -8.63
CA GLU B 246 10.94 13.28 -7.41
C GLU B 246 11.64 11.96 -7.61
N VAL B 247 12.40 11.60 -6.58
CA VAL B 247 13.27 10.45 -6.58
C VAL B 247 12.54 9.33 -5.81
N GLY B 248 12.54 8.12 -6.38
CA GLY B 248 11.91 6.94 -5.76
C GLY B 248 12.99 5.95 -5.39
N GLU B 249 12.97 4.78 -6.03
CA GLU B 249 13.88 3.65 -5.70
C GLU B 249 14.96 3.39 -6.76
N PHE B 250 16.17 3.04 -6.30
CA PHE B 250 17.14 2.37 -7.15
C PHE B 250 17.26 0.87 -6.79
N VAL B 251 16.83 0.02 -7.72
CA VAL B 251 16.83 -1.46 -7.56
C VAL B 251 17.97 -2.06 -8.36
N HIS B 252 18.86 -2.76 -7.65
CA HIS B 252 20.12 -3.27 -8.20
C HIS B 252 20.05 -4.80 -8.24
N THR B 253 19.89 -5.31 -9.47
CA THR B 253 19.82 -6.73 -9.73
C THR B 253 21.15 -7.19 -10.26
N LEU B 254 21.64 -8.26 -9.65
CA LEU B 254 22.92 -8.86 -10.04
C LEU B 254 22.75 -10.26 -10.67
N GLY B 255 23.71 -10.60 -11.53
CA GLY B 255 23.90 -11.95 -12.08
C GLY B 255 25.01 -12.64 -11.31
N ASP B 256 26.21 -12.66 -11.87
CA ASP B 256 27.33 -13.30 -11.23
C ASP B 256 27.92 -12.30 -10.24
N ALA B 257 27.61 -12.48 -8.95
CA ALA B 257 28.17 -11.65 -7.88
C ALA B 257 29.33 -12.38 -7.22
N HIS B 258 30.53 -11.80 -7.31
CA HIS B 258 31.75 -12.49 -6.89
C HIS B 258 32.69 -11.60 -6.06
N LEU B 259 33.08 -12.12 -4.90
CA LEU B 259 34.09 -11.50 -4.05
C LEU B 259 35.42 -12.14 -4.38
N TYR B 260 36.33 -11.37 -4.94
CA TYR B 260 37.63 -11.91 -5.29
C TYR B 260 38.35 -12.43 -4.04
N GLN B 261 39.09 -13.52 -4.15
CA GLN B 261 39.76 -14.16 -3.00
C GLN B 261 40.66 -13.20 -2.18
N ASN B 262 41.33 -12.32 -2.89
CA ASN B 262 42.14 -11.28 -2.25
C ASN B 262 41.36 -10.01 -1.77
N HIS B 263 40.02 -10.07 -1.73
CA HIS B 263 39.20 -9.00 -1.17
C HIS B 263 38.45 -9.47 0.11
N VAL B 264 38.82 -10.63 0.66
CA VAL B 264 38.09 -11.28 1.75
C VAL B 264 38.34 -10.53 3.05
N GLU B 265 39.62 -10.34 3.39
CA GLU B 265 40.02 -9.55 4.58
C GLU B 265 39.48 -8.14 4.58
N GLN B 266 39.42 -7.56 3.38
CA GLN B 266 38.85 -6.24 3.17
C GLN B 266 37.35 -6.23 3.43
N MET B 267 36.65 -7.28 3.00
CA MET B 267 35.20 -7.40 3.22
C MET B 267 34.88 -7.57 4.72
N GLN B 268 35.72 -8.33 5.41
CA GLN B 268 35.53 -8.61 6.84
C GLN B 268 35.77 -7.37 7.69
N GLU B 269 36.83 -6.65 7.38
CA GLU B 269 37.13 -5.38 8.04
C GLU B 269 35.89 -4.46 8.01
N GLN B 270 35.34 -4.32 6.80
CA GLN B 270 34.16 -3.52 6.52
C GLN B 270 32.96 -3.87 7.40
N LEU B 271 32.68 -5.18 7.49
CA LEU B 271 31.52 -5.68 8.26
C LEU B 271 31.65 -5.50 9.78
N SER B 272 32.87 -5.31 10.27
CA SER B 272 33.10 -5.01 11.68
C SER B 272 32.77 -3.55 12.07
N ARG B 273 32.53 -2.67 11.09
CA ARG B 273 32.32 -1.23 11.36
C ARG B 273 30.83 -0.93 11.29
N GLU B 274 30.41 0.07 12.04
CA GLU B 274 29.01 0.44 12.15
C GLU B 274 28.62 1.36 11.00
N VAL B 275 27.36 1.25 10.60
CA VAL B 275 26.77 2.03 9.53
C VAL B 275 26.37 3.43 10.03
N ARG B 276 26.71 4.46 9.27
CA ARG B 276 26.23 5.81 9.49
C ARG B 276 25.17 6.15 8.47
N SER B 277 24.49 7.26 8.70
CA SER B 277 23.55 7.80 7.74
C SER B 277 24.18 8.08 6.38
N PHE B 278 23.46 7.77 5.31
CA PHE B 278 23.89 8.16 3.98
C PHE B 278 23.94 9.69 3.92
N PRO B 279 24.79 10.23 3.06
CA PRO B 279 24.76 11.71 2.87
C PRO B 279 23.64 12.19 1.95
N THR B 280 23.61 13.49 1.73
CA THR B 280 22.59 14.13 0.94
C THR B 280 23.14 14.65 -0.39
N LEU B 281 22.55 14.21 -1.50
CA LEU B 281 22.93 14.72 -2.80
C LEU B 281 22.28 16.04 -2.92
N VAL B 282 23.01 17.00 -3.49
CA VAL B 282 22.47 18.30 -3.79
C VAL B 282 22.88 18.66 -5.19
N LEU B 283 21.89 18.97 -6.02
CA LEU B 283 22.11 19.40 -7.40
C LEU B 283 21.87 20.90 -7.52
N ASN B 284 22.48 21.48 -8.56
CA ASN B 284 22.39 22.92 -8.85
C ASN B 284 21.03 23.26 -9.46
N PRO B 285 20.18 23.98 -8.71
CA PRO B 285 18.86 24.26 -9.23
C PRO B 285 18.80 25.48 -10.16
N ASP B 286 19.90 25.83 -10.83
CA ASP B 286 19.94 26.99 -11.74
C ASP B 286 20.28 26.64 -13.19
N LYS B 287 20.71 25.40 -13.43
CA LYS B 287 20.72 24.82 -14.78
C LYS B 287 19.56 23.83 -14.85
N ALA B 288 18.73 23.98 -15.88
CA ALA B 288 17.57 23.11 -16.08
C ALA B 288 17.98 21.72 -16.57
N SER B 289 18.64 21.70 -17.73
CA SER B 289 19.03 20.47 -18.40
C SER B 289 20.33 19.91 -17.86
N VAL B 290 20.27 18.69 -17.35
CA VAL B 290 21.41 17.99 -16.81
C VAL B 290 22.51 17.83 -17.85
N PHE B 291 22.13 17.71 -19.12
CA PHE B 291 23.09 17.74 -20.25
C PHE B 291 24.04 18.98 -20.34
N ASP B 292 23.80 20.04 -19.56
CA ASP B 292 24.80 21.14 -19.33
C ASP B 292 25.47 21.04 -17.94
N PHE B 293 25.21 19.98 -17.19
CA PHE B 293 25.82 19.80 -15.87
C PHE B 293 27.29 19.46 -16.02
N ASP B 294 28.09 19.95 -15.06
CA ASP B 294 29.51 19.56 -14.93
C ASP B 294 29.80 19.28 -13.45
N MET B 295 31.05 18.93 -13.14
CA MET B 295 31.53 18.64 -11.78
C MET B 295 30.90 19.50 -10.68
N GLU B 296 30.93 20.82 -10.87
CA GLU B 296 30.49 21.78 -9.83
C GLU B 296 28.99 21.76 -9.52
N ASP B 297 28.20 21.22 -10.45
CA ASP B 297 26.73 21.23 -10.36
C ASP B 297 26.17 20.06 -9.54
N ILE B 298 27.05 19.13 -9.10
CA ILE B 298 26.72 17.93 -8.34
C ILE B 298 27.63 17.88 -7.13
N LYS B 299 27.07 17.85 -5.92
CA LYS B 299 27.86 17.68 -4.72
C LYS B 299 27.11 16.89 -3.65
N VAL B 300 27.89 16.34 -2.72
CA VAL B 300 27.38 15.47 -1.68
C VAL B 300 27.59 16.23 -0.36
N GLU B 301 26.49 16.42 0.37
CA GLU B 301 26.50 16.99 1.71
C GLU B 301 26.37 15.89 2.74
N GLY B 302 27.03 16.08 3.88
CA GLY B 302 26.88 15.25 5.05
C GLY B 302 27.71 13.98 5.08
N TYR B 303 28.71 13.86 4.20
CA TYR B 303 29.45 12.60 4.01
C TYR B 303 30.55 12.44 5.05
N ASP B 304 30.31 11.51 5.98
CA ASP B 304 31.18 11.20 7.12
C ASP B 304 31.40 9.68 7.07
N PRO B 305 32.40 9.21 6.29
CA PRO B 305 32.65 7.78 6.15
C PRO B 305 33.81 7.27 7.00
N HIS B 306 33.79 5.98 7.29
CA HIS B 306 34.96 5.28 7.82
C HIS B 306 36.09 5.34 6.77
N PRO B 307 37.36 5.13 7.17
CA PRO B 307 38.46 5.26 6.20
C PRO B 307 38.43 4.32 4.98
N THR B 308 39.08 4.76 3.91
CA THR B 308 39.38 3.94 2.74
C THR B 308 39.87 2.56 3.19
N ILE B 309 39.31 1.50 2.61
CA ILE B 309 39.84 0.15 2.72
C ILE B 309 40.42 -0.20 1.35
N LYS B 310 41.74 -0.09 1.24
CA LYS B 310 42.46 -0.30 -0.02
C LYS B 310 42.57 -1.78 -0.40
N ALA B 311 42.33 -2.07 -1.69
CA ALA B 311 42.36 -3.43 -2.23
C ALA B 311 43.05 -3.49 -3.60
N PRO B 312 43.65 -4.65 -3.95
CA PRO B 312 44.16 -4.86 -5.31
C PRO B 312 43.06 -4.73 -6.39
N ILE B 313 43.30 -3.82 -7.34
CA ILE B 313 42.42 -3.55 -8.48
C ILE B 313 42.04 -4.79 -9.32
N MET C 1 9.68 -21.69 -4.75
CA MET C 1 8.45 -22.53 -4.64
C MET C 1 7.18 -21.78 -5.04
N GLU C 2 6.06 -22.49 -5.17
CA GLU C 2 4.78 -21.86 -5.55
C GLU C 2 4.40 -20.67 -4.63
N GLU C 3 4.73 -20.83 -3.35
CA GLU C 3 4.45 -19.82 -2.31
C GLU C 3 5.08 -18.46 -2.72
N ALA C 4 6.23 -18.52 -3.36
CA ALA C 4 6.93 -17.32 -3.83
C ALA C 4 6.12 -16.56 -4.91
N TYR C 5 5.53 -17.30 -5.85
CA TYR C 5 4.60 -16.71 -6.80
C TYR C 5 3.41 -16.13 -6.04
N LEU C 6 2.87 -16.90 -5.09
CA LEU C 6 1.68 -16.49 -4.35
C LEU C 6 1.93 -15.26 -3.47
N ALA C 7 3.15 -15.11 -2.91
CA ALA C 7 3.45 -13.88 -2.12
C ALA C 7 3.49 -12.61 -3.01
N LEU C 8 3.88 -12.76 -4.28
CA LEU C 8 3.93 -11.67 -5.23
C LEU C 8 2.54 -11.08 -5.43
N GLY C 9 1.60 -11.95 -5.82
CA GLY C 9 0.18 -11.60 -5.96
C GLY C 9 -0.45 -10.97 -4.72
N LYS C 10 -0.14 -11.51 -3.54
CA LYS C 10 -0.61 -10.92 -2.29
C LYS C 10 -0.07 -9.52 -2.13
N LYS C 11 1.23 -9.37 -2.32
CA LYS C 11 1.88 -8.08 -2.15
C LYS C 11 1.27 -7.01 -3.06
N ILE C 12 0.99 -7.36 -4.30
CA ILE C 12 0.40 -6.40 -5.23
C ILE C 12 -1.02 -6.07 -4.84
N LEU C 13 -1.80 -7.08 -4.48
CA LEU C 13 -3.16 -6.82 -4.00
C LEU C 13 -3.20 -5.75 -2.94
N GLU C 14 -2.28 -5.84 -1.98
CA GLU C 14 -2.20 -4.93 -0.86
C GLU C 14 -1.57 -3.56 -1.16
N GLU C 15 -0.37 -3.59 -1.73
CA GLU C 15 0.52 -2.42 -1.85
C GLU C 15 0.66 -1.80 -3.24
N GLY C 16 0.35 -2.55 -4.28
CA GLY C 16 0.42 -2.08 -5.66
C GLY C 16 -0.45 -0.87 -5.95
N HIS C 17 0.19 0.27 -6.13
CA HIS C 17 -0.52 1.48 -6.57
C HIS C 17 -1.14 1.32 -7.97
N PHE C 18 -2.29 1.96 -8.16
CA PHE C 18 -3.03 1.88 -9.42
C PHE C 18 -2.25 2.61 -10.48
N LYS C 19 -2.40 2.15 -11.72
CA LYS C 19 -1.60 2.64 -12.84
C LYS C 19 -2.36 2.40 -14.15
N GLU C 20 -2.59 3.45 -14.92
CA GLU C 20 -3.18 3.28 -16.24
C GLU C 20 -2.14 2.56 -17.14
N ASP C 21 -2.62 1.83 -18.12
CA ASP C 21 -1.74 1.09 -18.97
C ASP C 21 -2.13 1.25 -20.43
N ARG C 22 -1.22 0.81 -21.30
CA ARG C 22 -1.35 0.91 -22.75
C ARG C 22 -2.65 0.32 -23.28
N THR C 23 -3.08 -0.77 -22.65
CA THR C 23 -4.25 -1.51 -23.04
C THR C 23 -5.55 -0.84 -22.58
N GLY C 24 -5.47 0.11 -21.65
CA GLY C 24 -6.66 0.83 -21.16
C GLY C 24 -7.49 0.04 -20.16
N THR C 25 -6.91 -1.02 -19.59
CA THR C 25 -7.57 -1.86 -18.60
C THR C 25 -7.40 -1.33 -17.20
N GLY C 26 -6.20 -0.83 -16.91
CA GLY C 26 -5.85 -0.40 -15.56
C GLY C 26 -5.22 -1.58 -14.83
N THR C 27 -4.18 -1.26 -14.07
CA THR C 27 -3.38 -2.23 -13.35
C THR C 27 -3.03 -1.74 -11.94
N TYR C 28 -2.74 -2.68 -11.07
CA TYR C 28 -2.08 -2.41 -9.81
C TYR C 28 -0.73 -3.02 -9.99
N SER C 29 0.30 -2.33 -9.53
CA SER C 29 1.69 -2.62 -9.91
C SER C 29 2.74 -2.30 -8.87
N LEU C 30 3.87 -2.98 -8.98
CA LEU C 30 5.06 -2.66 -8.18
C LEU C 30 6.26 -2.85 -9.08
N PHE C 31 7.43 -2.35 -8.65
CA PHE C 31 8.64 -2.30 -9.46
C PHE C 31 9.75 -3.00 -8.70
N GLY C 32 10.43 -3.95 -9.35
CA GLY C 32 11.57 -4.68 -8.75
C GLY C 32 11.15 -5.85 -7.89
N TYR C 33 11.24 -7.07 -8.43
CA TYR C 33 10.91 -8.29 -7.68
C TYR C 33 11.69 -9.48 -8.23
N GLN C 34 12.00 -10.42 -7.34
CA GLN C 34 12.79 -11.60 -7.64
C GLN C 34 12.13 -12.78 -6.90
N MET C 35 11.97 -13.90 -7.60
CA MET C 35 11.47 -15.15 -7.08
C MET C 35 12.45 -16.23 -7.52
N ARG C 36 12.77 -17.19 -6.63
CA ARG C 36 13.72 -18.28 -6.91
C ARG C 36 12.97 -19.62 -6.88
N PHE C 37 13.21 -20.46 -7.88
CA PHE C 37 12.63 -21.80 -7.90
C PHE C 37 13.80 -22.76 -8.01
N ASP C 38 13.96 -23.61 -7.01
CA ASP C 38 14.85 -24.77 -7.12
C ASP C 38 14.15 -25.85 -7.98
N LEU C 39 14.68 -26.02 -9.19
CA LEU C 39 14.09 -26.94 -10.15
C LEU C 39 14.30 -28.41 -9.79
N ALA C 40 15.24 -28.70 -8.88
CA ALA C 40 15.33 -30.02 -8.21
C ALA C 40 14.13 -30.41 -7.32
N LYS C 41 13.35 -29.42 -6.88
CA LYS C 41 12.16 -29.62 -6.05
C LYS C 41 10.86 -29.93 -6.83
N GLY C 42 10.94 -30.02 -8.15
CA GLY C 42 9.77 -30.23 -8.99
C GLY C 42 9.70 -29.17 -10.07
N PHE C 43 8.95 -29.52 -11.11
CA PHE C 43 8.81 -28.66 -12.23
C PHE C 43 7.76 -27.59 -11.85
N PRO C 44 8.17 -26.27 -11.84
CA PRO C 44 7.25 -25.17 -11.44
C PRO C 44 6.08 -24.88 -12.37
N LEU C 45 5.17 -25.86 -12.48
CA LEU C 45 3.88 -25.69 -13.11
C LEU C 45 2.87 -25.60 -11.98
N LEU C 46 2.17 -24.46 -11.90
CA LEU C 46 1.38 -24.12 -10.70
C LEU C 46 0.26 -25.09 -10.43
N THR C 47 0.12 -25.43 -9.16
CA THR C 47 -0.92 -26.29 -8.63
C THR C 47 -2.21 -25.54 -8.16
N THR C 48 -2.10 -24.26 -7.77
CA THR C 48 -3.27 -23.52 -7.23
C THR C 48 -4.29 -23.12 -8.30
N LYS C 49 -3.89 -23.23 -9.56
CA LYS C 49 -4.85 -23.32 -10.66
C LYS C 49 -4.26 -24.22 -11.75
N ARG C 50 -5.11 -24.72 -12.63
CA ARG C 50 -4.64 -25.49 -13.78
C ARG C 50 -4.00 -24.56 -14.82
N VAL C 51 -2.71 -24.76 -15.06
CA VAL C 51 -1.96 -24.18 -16.15
C VAL C 51 -1.78 -25.24 -17.27
N PRO C 52 -2.28 -24.95 -18.52
CA PRO C 52 -2.10 -25.86 -19.70
C PRO C 52 -0.66 -25.93 -20.23
N PHE C 53 0.03 -27.01 -19.89
CA PHE C 53 1.41 -27.21 -20.28
C PHE C 53 1.59 -27.40 -21.79
N GLY C 54 0.53 -27.86 -22.46
CA GLY C 54 0.56 -28.04 -23.90
C GLY C 54 0.89 -26.76 -24.63
N LEU C 55 0.17 -25.70 -24.29
CA LEU C 55 0.41 -24.36 -24.81
C LEU C 55 1.82 -23.83 -24.52
N ILE C 56 2.29 -23.96 -23.28
CA ILE C 56 3.66 -23.60 -22.90
C ILE C 56 4.70 -24.34 -23.76
N LYS C 57 4.47 -25.64 -23.94
CA LYS C 57 5.32 -26.50 -24.80
C LYS C 57 5.41 -26.00 -26.27
N SER C 58 4.27 -25.77 -26.92
CA SER C 58 4.27 -25.43 -28.37
C SER C 58 4.83 -24.03 -28.54
N GLU C 59 4.44 -23.11 -27.64
CA GLU C 59 5.03 -21.75 -27.59
C GLU C 59 6.57 -21.73 -27.43
N LEU C 60 7.16 -22.57 -26.57
CA LEU C 60 8.63 -22.70 -26.46
C LEU C 60 9.27 -23.27 -27.75
N LEU C 61 8.74 -24.40 -28.21
CA LEU C 61 9.16 -24.98 -29.47
C LEU C 61 9.04 -23.96 -30.59
N TRP C 62 7.92 -23.25 -30.66
CA TRP C 62 7.73 -22.18 -31.64
C TRP C 62 8.88 -21.15 -31.54
N PHE C 63 9.29 -20.78 -30.33
CA PHE C 63 10.41 -19.81 -30.15
C PHE C 63 11.77 -20.40 -30.54
N LEU C 64 11.95 -21.69 -30.32
CA LEU C 64 13.23 -22.35 -30.51
C LEU C 64 13.57 -22.59 -31.97
N LYS C 65 12.56 -22.84 -32.82
CA LYS C 65 12.78 -22.95 -34.25
C LYS C 65 12.86 -21.60 -35.02
N GLY C 66 12.76 -20.47 -34.34
CA GLY C 66 12.92 -19.15 -34.94
C GLY C 66 11.69 -18.54 -35.63
N ASP C 67 10.55 -19.20 -35.49
CA ASP C 67 9.31 -18.80 -36.17
C ASP C 67 8.62 -17.67 -35.40
N THR C 68 8.14 -16.67 -36.13
CA THR C 68 7.34 -15.58 -35.56
C THR C 68 5.96 -15.44 -36.22
N ASN C 69 5.50 -16.52 -36.84
CA ASN C 69 4.18 -16.58 -37.45
C ASN C 69 3.30 -17.55 -36.67
N ILE C 70 2.06 -17.15 -36.42
CA ILE C 70 1.17 -17.90 -35.54
C ILE C 70 0.61 -19.20 -36.13
N ARG C 71 0.87 -19.48 -37.39
CA ARG C 71 0.29 -20.65 -38.02
C ARG C 71 0.72 -21.92 -37.32
N TYR C 72 2.02 -21.99 -37.02
CA TYR C 72 2.59 -23.11 -36.29
C TYR C 72 1.73 -23.36 -35.06
N LEU C 73 1.37 -22.27 -34.35
CA LEU C 73 0.64 -22.38 -33.11
C LEU C 73 -0.82 -22.78 -33.28
N LEU C 74 -1.47 -22.22 -34.30
CA LEU C 74 -2.86 -22.60 -34.63
C LEU C 74 -2.91 -24.06 -35.12
N GLU C 75 -1.88 -24.53 -35.81
CA GLU C 75 -1.83 -25.96 -36.21
C GLU C 75 -1.80 -26.93 -34.99
N ARG C 76 -1.37 -26.45 -33.82
CA ARG C 76 -1.35 -27.17 -32.55
C ARG C 76 -2.34 -26.64 -31.55
N ASN C 77 -3.44 -26.04 -32.04
CA ASN C 77 -4.54 -25.53 -31.18
C ASN C 77 -4.11 -24.64 -30.01
N ASN C 78 -3.10 -23.81 -30.25
CA ASN C 78 -2.65 -22.77 -29.34
C ASN C 78 -3.07 -21.37 -29.88
N HIS C 79 -3.87 -20.66 -29.09
CA HIS C 79 -4.48 -19.36 -29.48
C HIS C 79 -4.07 -18.16 -28.64
N ILE C 80 -3.10 -18.36 -27.75
CA ILE C 80 -2.60 -17.28 -26.89
C ILE C 80 -1.99 -16.05 -27.58
N TRP C 81 -1.55 -16.16 -28.84
CA TRP C 81 -0.98 -15.04 -29.61
C TRP C 81 -1.88 -14.53 -30.75
N ASP C 82 -3.04 -15.14 -30.95
CA ASP C 82 -4.04 -14.69 -31.92
C ASP C 82 -4.34 -13.18 -31.89
N GLU C 83 -4.72 -12.65 -30.73
CA GLU C 83 -5.24 -11.28 -30.64
C GLU C 83 -4.32 -10.21 -31.28
N TRP C 84 -3.00 -10.37 -31.19
CA TRP C 84 -2.08 -9.36 -31.67
C TRP C 84 -1.98 -9.42 -33.18
N ALA C 85 -1.95 -10.64 -33.73
CA ALA C 85 -2.08 -10.84 -35.18
C ALA C 85 -3.44 -10.33 -35.69
N PHE C 86 -4.50 -10.79 -35.05
CA PHE C 86 -5.84 -10.37 -35.39
C PHE C 86 -5.94 -8.83 -35.44
N GLU C 87 -5.32 -8.16 -34.48
CA GLU C 87 -5.38 -6.71 -34.36
C GLU C 87 -4.75 -6.01 -35.56
N ARG C 88 -3.59 -6.49 -35.97
CA ARG C 88 -2.95 -5.96 -37.16
C ARG C 88 -3.88 -6.11 -38.38
N TYR C 89 -4.48 -7.30 -38.51
CA TYR C 89 -5.39 -7.59 -39.61
C TYR C 89 -6.66 -6.69 -39.66
N VAL C 90 -7.31 -6.45 -38.53
CA VAL C 90 -8.50 -5.57 -38.49
C VAL C 90 -8.13 -4.09 -38.70
N LYS C 91 -6.91 -3.70 -38.37
CA LYS C 91 -6.42 -2.36 -38.68
C LYS C 91 -6.05 -2.22 -40.16
N SER C 92 -5.85 -3.33 -40.87
CA SER C 92 -5.33 -3.30 -42.24
C SER C 92 -6.36 -2.83 -43.28
N ALA C 93 -5.89 -2.58 -44.50
CA ALA C 93 -6.76 -2.22 -45.62
C ALA C 93 -7.63 -3.38 -46.14
N ASP C 94 -7.26 -4.61 -45.82
CA ASP C 94 -7.93 -5.83 -46.32
C ASP C 94 -9.18 -6.26 -45.55
N TYR C 95 -9.33 -5.82 -44.31
CA TYR C 95 -10.48 -6.21 -43.46
C TYR C 95 -11.79 -5.51 -43.89
N GLN C 96 -12.82 -6.30 -44.16
CA GLN C 96 -14.17 -5.77 -44.34
C GLN C 96 -15.01 -6.38 -43.20
N GLY C 97 -16.32 -6.18 -43.19
CA GLY C 97 -17.12 -6.60 -42.03
C GLY C 97 -17.07 -5.58 -40.87
N PRO C 98 -17.69 -5.92 -39.73
CA PRO C 98 -17.95 -4.90 -38.69
C PRO C 98 -16.71 -4.38 -37.95
N ASP C 99 -16.75 -3.09 -37.63
CA ASP C 99 -15.68 -2.38 -36.93
C ASP C 99 -15.20 -3.14 -35.68
N MET C 100 -13.89 -3.15 -35.47
CA MET C 100 -13.28 -3.93 -34.39
C MET C 100 -12.36 -3.12 -33.45
N THR C 101 -12.57 -1.80 -33.36
CA THR C 101 -11.73 -1.00 -32.43
C THR C 101 -12.12 -1.31 -30.98
N ASP C 102 -11.08 -1.48 -30.17
CA ASP C 102 -11.17 -1.72 -28.73
C ASP C 102 -11.88 -3.04 -28.39
N PHE C 103 -11.63 -4.07 -29.21
CA PHE C 103 -12.33 -5.34 -29.11
C PHE C 103 -12.01 -6.12 -27.83
N GLY C 104 -10.82 -5.89 -27.29
CA GLY C 104 -10.39 -6.52 -26.03
C GLY C 104 -11.30 -6.14 -24.90
N HIS C 105 -11.74 -4.88 -24.88
CA HIS C 105 -12.71 -4.38 -23.87
C HIS C 105 -14.18 -4.65 -24.22
N ARG C 106 -14.55 -4.36 -25.46
CA ARG C 106 -15.96 -4.46 -25.88
C ARG C 106 -16.59 -5.89 -25.81
N VAL C 107 -15.79 -6.96 -25.92
CA VAL C 107 -16.28 -8.35 -25.71
C VAL C 107 -16.91 -8.56 -24.33
N LEU C 108 -16.45 -7.78 -23.35
CA LEU C 108 -16.87 -7.89 -21.96
C LEU C 108 -18.17 -7.13 -21.67
N GLN C 109 -18.33 -5.95 -22.26
CA GLN C 109 -19.42 -5.02 -21.91
C GLN C 109 -20.67 -5.11 -22.83
N ASP C 110 -20.68 -6.07 -23.77
CA ASP C 110 -21.59 -6.06 -24.95
C ASP C 110 -21.62 -7.46 -25.66
N PRO C 111 -22.65 -8.29 -25.37
CA PRO C 111 -22.73 -9.66 -25.96
C PRO C 111 -23.02 -9.77 -27.47
N ALA C 112 -23.67 -8.76 -28.04
CA ALA C 112 -23.96 -8.74 -29.48
C ALA C 112 -22.67 -8.62 -30.28
N PHE C 113 -21.77 -7.74 -29.83
CA PHE C 113 -20.40 -7.59 -30.36
C PHE C 113 -19.52 -8.83 -30.11
N ALA C 114 -19.60 -9.39 -28.90
CA ALA C 114 -18.92 -10.65 -28.57
C ALA C 114 -19.19 -11.80 -29.58
N GLU C 115 -20.42 -11.93 -30.10
CA GLU C 115 -20.75 -12.88 -31.19
C GLU C 115 -20.05 -12.51 -32.50
N GLN C 116 -20.09 -11.23 -32.87
CA GLN C 116 -19.41 -10.76 -34.12
C GLN C 116 -17.89 -10.98 -34.06
N TYR C 117 -17.30 -10.73 -32.90
CA TYR C 117 -15.88 -10.90 -32.68
C TYR C 117 -15.50 -12.38 -32.80
N LYS C 118 -16.24 -13.25 -32.11
CA LYS C 118 -16.07 -14.70 -32.26
C LYS C 118 -16.18 -15.12 -33.72
N GLU C 119 -17.16 -14.58 -34.43
CA GLU C 119 -17.39 -14.94 -35.82
C GLU C 119 -16.24 -14.48 -36.77
N GLU C 120 -15.74 -13.26 -36.56
CA GLU C 120 -14.60 -12.76 -37.34
C GLU C 120 -13.26 -13.41 -36.96
N HIS C 121 -13.11 -13.72 -35.70
CA HIS C 121 -11.91 -14.37 -35.18
C HIS C 121 -11.74 -15.78 -35.76
N GLN C 122 -12.85 -16.52 -35.82
CA GLN C 122 -12.86 -17.83 -36.42
C GLN C 122 -12.59 -17.77 -37.94
N LYS C 123 -13.07 -16.74 -38.64
CA LYS C 123 -12.72 -16.58 -40.08
C LYS C 123 -11.22 -16.29 -40.26
N PHE C 124 -10.67 -15.47 -39.37
CA PHE C 124 -9.24 -15.14 -39.37
C PHE C 124 -8.44 -16.41 -39.12
N CYS C 125 -8.79 -17.18 -38.09
CA CYS C 125 -8.08 -18.46 -37.81
C CYS C 125 -8.15 -19.45 -38.99
N ASP C 126 -9.32 -19.60 -39.58
CA ASP C 126 -9.53 -20.43 -40.78
C ASP C 126 -8.67 -19.99 -41.98
N ALA C 127 -8.62 -18.68 -42.23
CA ALA C 127 -7.83 -18.12 -43.34
C ALA C 127 -6.32 -18.32 -43.16
N ILE C 128 -5.82 -18.19 -41.92
CA ILE C 128 -4.38 -18.36 -41.63
C ILE C 128 -4.01 -19.83 -41.82
N LEU C 129 -4.91 -20.71 -41.40
CA LEU C 129 -4.63 -22.13 -41.41
C LEU C 129 -4.57 -22.67 -42.85
N ASN C 130 -5.42 -22.16 -43.75
CA ASN C 130 -5.56 -22.72 -45.10
C ASN C 130 -5.05 -21.90 -46.27
N ASP C 131 -5.20 -20.58 -46.20
CA ASP C 131 -4.72 -19.68 -47.27
C ASP C 131 -3.28 -19.24 -46.97
N ALA C 132 -2.33 -19.73 -47.77
CA ALA C 132 -0.91 -19.43 -47.59
C ALA C 132 -0.52 -17.96 -47.84
N GLU C 133 -1.16 -17.32 -48.82
CA GLU C 133 -0.95 -15.89 -49.05
C GLU C 133 -1.42 -15.08 -47.83
N PHE C 134 -2.57 -15.45 -47.26
CA PHE C 134 -3.10 -14.79 -46.03
C PHE C 134 -2.23 -15.02 -44.81
N ALA C 135 -1.84 -16.27 -44.57
CA ALA C 135 -0.96 -16.65 -43.46
C ALA C 135 0.29 -15.78 -43.42
N GLU C 136 0.98 -15.67 -44.56
CA GLU C 136 2.29 -15.01 -44.60
C GLU C 136 2.20 -13.52 -44.33
N LYS C 137 1.17 -12.86 -44.87
CA LYS C 137 0.95 -11.44 -44.57
C LYS C 137 0.44 -11.27 -43.15
N TYR C 138 -0.62 -11.99 -42.80
CA TYR C 138 -1.37 -11.70 -41.58
C TYR C 138 -1.07 -12.49 -40.29
N GLY C 139 -0.32 -13.59 -40.38
CA GLY C 139 0.10 -14.35 -39.21
C GLY C 139 1.38 -13.86 -38.56
N GLU C 140 1.97 -12.80 -39.12
CA GLU C 140 3.33 -12.33 -38.84
C GLU C 140 3.33 -11.30 -37.71
N LEU C 141 4.27 -11.40 -36.78
CA LEU C 141 4.26 -10.57 -35.58
C LEU C 141 5.45 -9.61 -35.48
N GLY C 142 6.28 -9.58 -36.53
CA GLY C 142 7.62 -8.95 -36.49
C GLY C 142 8.68 -9.86 -35.86
N ASN C 143 9.89 -9.31 -35.71
CA ASN C 143 11.03 -9.99 -35.10
C ASN C 143 10.89 -10.11 -33.57
N ILE C 144 9.90 -10.90 -33.16
CA ILE C 144 9.63 -11.12 -31.75
C ILE C 144 10.55 -12.25 -31.25
N TYR C 145 10.37 -12.70 -30.01
CA TYR C 145 11.26 -13.69 -29.33
C TYR C 145 12.02 -14.66 -30.25
N GLY C 146 11.30 -15.42 -31.05
CA GLY C 146 11.93 -16.44 -31.89
C GLY C 146 13.01 -15.90 -32.83
N ALA C 147 12.73 -14.75 -33.42
CA ALA C 147 13.62 -14.16 -34.42
C ALA C 147 14.94 -13.62 -33.82
N GLN C 148 14.87 -13.05 -32.60
CA GLN C 148 16.07 -12.56 -31.89
C GLN C 148 16.98 -13.69 -31.31
N TRP C 149 16.31 -14.74 -30.84
CA TRP C 149 16.91 -15.96 -30.30
C TRP C 149 17.77 -16.68 -31.36
N ARG C 150 17.16 -16.92 -32.52
CA ARG C 150 17.78 -17.71 -33.59
C ARG C 150 18.37 -16.93 -34.78
N HIS C 151 18.12 -15.63 -34.89
CA HIS C 151 18.29 -14.91 -36.16
C HIS C 151 18.34 -13.40 -35.97
N TRP C 152 19.09 -12.96 -34.97
CA TRP C 152 19.37 -11.55 -34.73
C TRP C 152 20.16 -10.99 -35.89
N GLU C 153 19.58 -10.03 -36.63
CA GLU C 153 20.18 -9.56 -37.87
C GLU C 153 21.36 -8.61 -37.65
N THR C 154 22.45 -8.87 -38.34
CA THR C 154 23.65 -8.03 -38.27
C THR C 154 23.59 -6.88 -39.29
N LYS C 155 24.43 -5.89 -39.06
CA LYS C 155 24.62 -4.78 -39.98
C LYS C 155 25.19 -5.16 -41.36
N ASP C 156 25.87 -6.29 -41.47
CA ASP C 156 26.54 -6.64 -42.75
C ASP C 156 25.92 -7.85 -43.50
N GLY C 157 24.60 -8.00 -43.44
CA GLY C 157 23.88 -8.98 -44.25
C GLY C 157 23.83 -10.38 -43.68
N SER C 158 24.14 -10.56 -42.39
CA SER C 158 24.06 -11.89 -41.79
C SER C 158 23.08 -11.97 -40.63
N PHE C 159 23.19 -13.03 -39.81
CA PHE C 159 22.39 -13.25 -38.61
C PHE C 159 23.18 -13.99 -37.52
N ILE C 160 22.93 -13.66 -36.26
CA ILE C 160 23.57 -14.23 -35.11
C ILE C 160 22.57 -15.15 -34.43
N ASP C 161 22.92 -16.43 -34.35
CA ASP C 161 22.10 -17.47 -33.70
C ASP C 161 22.39 -17.46 -32.20
N GLN C 162 21.85 -16.47 -31.53
CA GLN C 162 22.13 -16.22 -30.13
C GLN C 162 21.96 -17.41 -29.18
N LEU C 163 20.85 -18.12 -29.31
CA LEU C 163 20.57 -19.22 -28.41
C LEU C 163 21.61 -20.34 -28.56
N ALA C 164 21.95 -20.69 -29.80
CA ALA C 164 22.86 -21.81 -30.05
C ALA C 164 24.26 -21.48 -29.53
N ASN C 165 24.70 -20.21 -29.69
CA ASN C 165 26.03 -19.78 -29.20
C ASN C 165 26.14 -19.99 -27.71
N VAL C 166 25.10 -19.57 -26.98
CA VAL C 166 25.15 -19.64 -25.51
C VAL C 166 25.09 -21.11 -25.07
N ILE C 167 24.40 -21.95 -25.82
CA ILE C 167 24.39 -23.39 -25.56
C ILE C 167 25.81 -23.98 -25.72
N GLU C 168 26.49 -23.70 -26.83
CA GLU C 168 27.88 -24.19 -27.04
C GLU C 168 28.91 -23.57 -26.07
N MET C 169 28.69 -22.32 -25.67
CA MET C 169 29.47 -21.70 -24.58
C MET C 169 29.34 -22.39 -23.21
N ILE C 170 28.13 -22.81 -22.83
CA ILE C 170 27.91 -23.55 -21.56
C ILE C 170 28.74 -24.85 -21.49
N LYS C 171 28.93 -25.50 -22.64
CA LYS C 171 29.72 -26.74 -22.73
C LYS C 171 31.23 -26.55 -22.59
N THR C 172 31.83 -25.59 -23.30
CA THR C 172 33.28 -25.41 -23.27
C THR C 172 33.79 -24.34 -22.32
N ASN C 173 32.89 -23.45 -21.90
CA ASN C 173 33.27 -22.33 -21.09
C ASN C 173 32.14 -22.11 -20.10
N PRO C 174 31.98 -23.04 -19.12
CA PRO C 174 30.90 -22.90 -18.18
C PRO C 174 31.06 -21.78 -17.13
N ASP C 175 32.25 -21.24 -16.94
CA ASP C 175 32.49 -20.16 -15.96
C ASP C 175 32.23 -18.73 -16.53
N SER C 176 32.02 -18.64 -17.85
CA SER C 176 31.76 -17.37 -18.54
C SER C 176 30.68 -16.53 -17.86
N ARG C 177 30.92 -15.24 -17.74
CA ARG C 177 29.92 -14.34 -17.16
C ARG C 177 29.13 -13.63 -18.27
N ARG C 178 29.12 -14.19 -19.48
CA ARG C 178 28.53 -13.58 -20.67
C ARG C 178 27.48 -14.53 -21.32
N LEU C 179 26.84 -15.35 -20.50
CA LEU C 179 25.94 -16.38 -21.01
C LEU C 179 24.54 -15.84 -21.25
N ILE C 180 24.46 -14.82 -22.09
CA ILE C 180 23.27 -13.93 -22.20
C ILE C 180 22.53 -14.16 -23.52
N VAL C 181 21.20 -14.20 -23.49
CA VAL C 181 20.36 -14.00 -24.68
C VAL C 181 19.42 -12.81 -24.44
N SER C 182 19.45 -11.88 -25.37
CA SER C 182 18.65 -10.66 -25.31
C SER C 182 17.69 -10.70 -26.47
N ALA C 183 16.42 -10.53 -26.14
CA ALA C 183 15.42 -10.34 -27.15
C ALA C 183 15.30 -8.83 -27.48
N TRP C 184 15.83 -7.96 -26.62
CA TRP C 184 15.66 -6.53 -26.79
C TRP C 184 16.61 -5.92 -27.86
N ASN C 185 16.05 -5.75 -29.07
CA ASN C 185 16.78 -5.31 -30.25
C ASN C 185 16.24 -3.93 -30.67
N PRO C 186 16.93 -2.83 -30.28
CA PRO C 186 16.35 -1.49 -30.45
C PRO C 186 15.88 -1.14 -31.84
N GLU C 187 16.55 -1.69 -32.86
CA GLU C 187 16.15 -1.46 -34.24
C GLU C 187 14.79 -2.09 -34.51
N ASP C 188 14.54 -3.26 -33.95
CA ASP C 188 13.39 -4.05 -34.35
C ASP C 188 12.14 -3.82 -33.49
N VAL C 189 12.33 -3.26 -32.28
CA VAL C 189 11.23 -3.02 -31.34
C VAL C 189 10.01 -2.29 -31.95
N PRO C 190 10.23 -1.18 -32.69
CA PRO C 190 9.07 -0.38 -33.17
C PRO C 190 8.07 -1.13 -34.07
N SER C 191 8.46 -2.22 -34.73
CA SER C 191 7.55 -3.02 -35.56
C SER C 191 7.33 -4.45 -35.05
N MET C 192 7.77 -4.74 -33.83
CA MET C 192 7.31 -5.93 -33.11
C MET C 192 5.86 -5.73 -32.74
N ALA C 193 5.06 -6.77 -32.87
CA ALA C 193 3.66 -6.68 -32.43
C ALA C 193 3.66 -6.12 -31.01
N LEU C 194 4.64 -6.51 -30.19
CA LEU C 194 4.76 -6.10 -28.79
C LEU C 194 6.23 -6.30 -28.49
N PRO C 195 6.91 -5.36 -27.79
CA PRO C 195 8.32 -5.64 -27.47
C PRO C 195 8.42 -6.78 -26.43
N PRO C 196 9.60 -7.44 -26.32
CA PRO C 196 9.64 -8.63 -25.46
C PRO C 196 9.37 -8.37 -23.97
N CYS C 197 8.29 -8.98 -23.46
CA CYS C 197 7.94 -8.95 -22.03
C CYS C 197 9.07 -9.61 -21.17
N HIS C 198 9.45 -10.82 -21.54
CA HIS C 198 10.62 -11.49 -20.98
C HIS C 198 11.79 -11.12 -21.88
N THR C 199 12.66 -10.27 -21.38
CA THR C 199 13.46 -9.36 -22.19
C THR C 199 14.88 -9.84 -22.44
N MET C 200 15.53 -10.32 -21.39
CA MET C 200 16.75 -11.08 -21.53
C MET C 200 17.00 -12.04 -20.37
N PHE C 201 17.81 -13.05 -20.64
CA PHE C 201 18.15 -14.05 -19.64
C PHE C 201 19.63 -14.42 -19.66
N GLN C 202 20.11 -14.85 -18.50
CA GLN C 202 21.49 -15.25 -18.30
C GLN C 202 21.51 -16.66 -17.72
N PHE C 203 22.60 -17.41 -17.97
CA PHE C 203 22.84 -18.71 -17.35
C PHE C 203 24.11 -18.70 -16.46
N TYR C 204 24.16 -19.67 -15.55
CA TYR C 204 25.28 -19.82 -14.62
C TYR C 204 25.48 -21.30 -14.28
N VAL C 205 26.74 -21.70 -14.07
CA VAL C 205 27.11 -23.10 -13.83
C VAL C 205 27.95 -23.27 -12.56
N ASN C 206 27.62 -24.24 -11.73
CA ASN C 206 28.36 -24.50 -10.50
C ASN C 206 28.09 -25.89 -9.97
N GLU C 207 29.17 -26.62 -9.61
CA GLU C 207 29.09 -28.03 -9.14
C GLU C 207 28.18 -28.92 -10.02
N GLY C 208 28.32 -28.80 -11.33
CA GLY C 208 27.52 -29.56 -12.28
C GLY C 208 26.07 -29.17 -12.43
N LYS C 209 25.67 -28.00 -11.91
CA LYS C 209 24.29 -27.53 -11.93
C LYS C 209 24.10 -26.33 -12.87
N LEU C 210 23.14 -26.44 -13.78
CA LEU C 210 22.73 -25.31 -14.64
C LEU C 210 21.63 -24.44 -13.99
N SER C 211 21.90 -23.15 -13.75
CA SER C 211 20.91 -22.17 -13.32
C SER C 211 20.65 -21.09 -14.40
N CYS C 212 19.45 -20.51 -14.33
CA CYS C 212 19.03 -19.49 -15.27
C CYS C 212 18.39 -18.34 -14.53
N GLN C 213 18.71 -17.11 -14.94
CA GLN C 213 18.05 -15.89 -14.47
C GLN C 213 17.46 -15.12 -15.63
N LEU C 214 16.23 -14.63 -15.45
CA LEU C 214 15.48 -13.94 -16.48
C LEU C 214 15.13 -12.57 -15.97
N TYR C 215 15.49 -11.53 -16.72
CA TYR C 215 14.92 -10.19 -16.52
C TYR C 215 13.67 -10.00 -17.37
N GLN C 216 12.52 -9.85 -16.71
CA GLN C 216 11.25 -9.62 -17.35
C GLN C 216 10.80 -8.20 -17.07
N ARG C 217 10.88 -7.34 -18.08
CA ARG C 217 10.61 -5.92 -17.93
C ARG C 217 9.18 -5.64 -17.53
N SER C 218 8.27 -6.54 -17.95
CA SER C 218 6.82 -6.33 -17.83
C SER C 218 6.13 -7.67 -17.60
N ALA C 219 5.35 -7.75 -16.52
CA ALA C 219 4.79 -9.03 -16.01
C ALA C 219 3.32 -8.97 -15.59
N ASP C 220 2.47 -9.47 -16.48
CA ASP C 220 1.12 -9.85 -16.18
C ASP C 220 1.26 -10.96 -15.12
N VAL C 221 1.02 -10.63 -13.86
CA VAL C 221 1.23 -11.60 -12.76
C VAL C 221 0.19 -12.77 -12.74
N PHE C 222 -1.09 -12.50 -12.94
CA PHE C 222 -2.07 -13.61 -13.00
C PHE C 222 -2.00 -14.53 -14.25
N LEU C 223 -1.96 -13.96 -15.46
CA LEU C 223 -2.03 -14.77 -16.71
C LEU C 223 -0.68 -15.09 -17.33
N GLY C 224 0.19 -14.09 -17.41
CA GLY C 224 1.48 -14.25 -18.02
C GLY C 224 2.52 -15.01 -17.20
N VAL C 225 2.73 -14.63 -15.95
CA VAL C 225 3.86 -15.12 -15.14
C VAL C 225 3.85 -16.65 -14.99
N PRO C 226 2.66 -17.26 -14.82
CA PRO C 226 2.64 -18.73 -14.71
C PRO C 226 3.13 -19.43 -15.95
N PHE C 227 2.79 -18.87 -17.11
CA PHE C 227 3.37 -19.30 -18.38
C PHE C 227 4.89 -19.09 -18.44
N ASN C 228 5.36 -17.87 -18.17
CA ASN C 228 6.76 -17.50 -18.34
C ASN C 228 7.72 -18.30 -17.44
N ILE C 229 7.30 -18.52 -16.18
CA ILE C 229 8.03 -19.43 -15.25
C ILE C 229 8.16 -20.88 -15.79
N ALA C 230 7.05 -21.44 -16.29
CA ALA C 230 7.06 -22.77 -16.89
C ALA C 230 7.88 -22.77 -18.15
N SER C 231 7.72 -21.69 -18.93
CA SER C 231 8.42 -21.57 -20.20
C SER C 231 9.96 -21.58 -19.96
N TYR C 232 10.46 -20.73 -19.07
CA TYR C 232 11.90 -20.66 -18.74
C TYR C 232 12.45 -21.80 -17.89
N ALA C 233 11.61 -22.45 -17.08
CA ALA C 233 12.02 -23.68 -16.40
C ALA C 233 12.29 -24.81 -17.41
N LEU C 234 11.36 -24.99 -18.36
CA LEU C 234 11.48 -25.99 -19.40
C LEU C 234 12.77 -25.81 -20.23
N LEU C 235 13.04 -24.58 -20.61
CA LEU C 235 14.17 -24.27 -21.47
C LEU C 235 15.48 -24.65 -20.81
N THR C 236 15.59 -24.29 -19.54
CA THR C 236 16.72 -24.61 -18.69
C THR C 236 16.89 -26.14 -18.62
N HIS C 237 15.79 -26.89 -18.48
CA HIS C 237 15.86 -28.35 -18.52
C HIS C 237 16.34 -28.86 -19.88
N LEU C 238 15.80 -28.29 -20.95
CA LEU C 238 16.13 -28.66 -22.33
C LEU C 238 17.63 -28.51 -22.57
N ILE C 239 18.13 -27.35 -22.16
CA ILE C 239 19.54 -27.04 -22.29
C ILE C 239 20.40 -27.93 -21.37
N ALA C 240 19.91 -28.22 -20.17
CA ALA C 240 20.64 -29.06 -19.22
C ALA C 240 20.77 -30.48 -19.75
N HIS C 241 19.70 -30.97 -20.37
CA HIS C 241 19.75 -32.20 -21.13
C HIS C 241 20.85 -32.16 -22.20
N GLU C 242 20.74 -31.23 -23.17
CA GLU C 242 21.79 -31.11 -24.21
C GLU C 242 23.22 -31.00 -23.64
N THR C 243 23.45 -30.12 -22.66
CA THR C 243 24.81 -29.91 -22.13
C THR C 243 25.26 -30.98 -21.14
N GLY C 244 24.38 -31.93 -20.82
CA GLY C 244 24.64 -32.97 -19.80
C GLY C 244 24.85 -32.50 -18.36
N LEU C 245 24.10 -31.47 -17.92
CA LEU C 245 24.22 -30.95 -16.55
C LEU C 245 22.98 -31.31 -15.71
N GLU C 246 23.11 -31.17 -14.38
CA GLU C 246 21.96 -31.20 -13.46
C GLU C 246 21.32 -29.85 -13.49
N VAL C 247 20.08 -29.81 -13.04
CA VAL C 247 19.22 -28.65 -13.20
C VAL C 247 19.31 -27.84 -11.88
N GLY C 248 19.48 -26.52 -12.01
CA GLY C 248 19.81 -25.65 -10.86
C GLY C 248 18.61 -24.90 -10.32
N GLU C 249 18.78 -23.57 -10.15
CA GLU C 249 17.67 -22.64 -9.80
C GLU C 249 17.20 -21.87 -11.04
N PHE C 250 15.91 -21.59 -11.11
CA PHE C 250 15.40 -20.55 -12.03
C PHE C 250 15.12 -19.27 -11.22
N VAL C 251 15.74 -18.17 -11.59
CA VAL C 251 15.54 -16.91 -10.87
C VAL C 251 14.72 -15.97 -11.74
N HIS C 252 13.56 -15.56 -11.21
CA HIS C 252 12.66 -14.71 -11.96
C HIS C 252 12.63 -13.29 -11.42
N THR C 253 13.19 -12.38 -12.21
CA THR C 253 13.37 -10.96 -11.85
C THR C 253 12.46 -10.09 -12.70
N LEU C 254 11.68 -9.23 -12.06
CA LEU C 254 10.66 -8.41 -12.75
C LEU C 254 10.93 -6.91 -12.65
N GLY C 255 10.50 -6.19 -13.69
CA GLY C 255 10.32 -4.74 -13.66
C GLY C 255 8.94 -4.38 -13.15
N ASP C 256 8.06 -3.86 -14.03
CA ASP C 256 6.69 -3.51 -13.68
C ASP C 256 5.97 -4.84 -13.59
N ALA C 257 5.78 -5.34 -12.37
CA ALA C 257 4.97 -6.51 -12.16
C ALA C 257 3.59 -6.00 -11.86
N HIS C 258 2.60 -6.51 -12.58
CA HIS C 258 1.28 -5.92 -12.46
C HIS C 258 0.20 -6.98 -12.38
N LEU C 259 -0.89 -6.58 -11.74
CA LEU C 259 -2.11 -7.35 -11.72
C LEU C 259 -3.14 -6.46 -12.44
N TYR C 260 -3.66 -6.96 -13.54
CA TYR C 260 -4.75 -6.31 -14.23
C TYR C 260 -5.98 -6.20 -13.32
N GLN C 261 -6.63 -5.04 -13.31
CA GLN C 261 -7.77 -4.83 -12.38
C GLN C 261 -8.91 -5.84 -12.54
N ASN C 262 -9.10 -6.37 -13.74
CA ASN C 262 -10.09 -7.44 -13.95
C ASN C 262 -9.55 -8.86 -13.74
N HIS C 263 -8.41 -8.96 -13.07
CA HIS C 263 -7.83 -10.23 -12.60
C HIS C 263 -7.89 -10.38 -11.07
N VAL C 264 -8.46 -9.40 -10.40
CA VAL C 264 -8.29 -9.23 -8.96
C VAL C 264 -9.02 -10.36 -8.20
N GLU C 265 -10.23 -10.70 -8.62
CA GLU C 265 -11.05 -11.73 -7.99
C GLU C 265 -10.44 -13.08 -8.19
N GLN C 266 -9.96 -13.29 -9.41
CA GLN C 266 -9.26 -14.52 -9.76
C GLN C 266 -8.02 -14.74 -8.90
N MET C 267 -7.19 -13.71 -8.72
CA MET C 267 -6.02 -13.80 -7.82
C MET C 267 -6.41 -14.10 -6.36
N GLN C 268 -7.54 -13.53 -5.93
CA GLN C 268 -8.03 -13.74 -4.59
C GLN C 268 -8.50 -15.21 -4.41
N GLU C 269 -9.33 -15.70 -5.32
CA GLU C 269 -9.75 -17.11 -5.28
C GLU C 269 -8.49 -18.00 -5.21
N GLN C 270 -7.48 -17.67 -6.05
CA GLN C 270 -6.24 -18.47 -6.09
C GLN C 270 -5.53 -18.57 -4.73
N LEU C 271 -5.54 -17.49 -3.98
CA LEU C 271 -4.89 -17.43 -2.68
C LEU C 271 -5.70 -18.09 -1.56
N SER C 272 -6.92 -18.49 -1.86
CA SER C 272 -7.72 -19.27 -0.90
C SER C 272 -7.39 -20.76 -0.92
N ARG C 273 -6.52 -21.23 -1.83
CA ARG C 273 -6.40 -22.63 -2.11
C ARG C 273 -5.04 -23.12 -1.64
N GLU C 274 -5.02 -24.36 -1.13
CA GLU C 274 -3.81 -25.00 -0.59
C GLU C 274 -2.84 -25.47 -1.67
N VAL C 275 -1.55 -25.16 -1.49
CA VAL C 275 -0.44 -25.58 -2.40
C VAL C 275 -0.32 -27.11 -2.43
N ARG C 276 -0.07 -27.68 -3.61
CA ARG C 276 0.18 -29.11 -3.78
C ARG C 276 1.58 -29.36 -4.34
N SER C 277 1.94 -30.63 -4.45
CA SER C 277 3.16 -31.03 -5.07
C SER C 277 3.26 -30.56 -6.51
N PHE C 278 4.37 -29.90 -6.85
CA PHE C 278 4.71 -29.65 -8.23
C PHE C 278 4.88 -30.99 -8.92
N PRO C 279 4.58 -31.07 -10.24
CA PRO C 279 4.83 -32.33 -10.94
C PRO C 279 6.31 -32.47 -11.29
N THR C 280 6.60 -33.52 -12.06
CA THR C 280 7.94 -33.84 -12.52
C THR C 280 7.95 -33.76 -14.05
N LEU C 281 9.01 -33.16 -14.59
CA LEU C 281 9.17 -33.06 -16.06
C LEU C 281 9.86 -34.29 -16.58
N VAL C 282 9.35 -34.83 -17.68
CA VAL C 282 9.95 -35.98 -18.35
C VAL C 282 10.28 -35.66 -19.79
N LEU C 283 11.49 -35.98 -20.17
CA LEU C 283 12.08 -35.65 -21.47
C LEU C 283 12.64 -36.91 -22.11
N ASN C 284 12.41 -37.03 -23.43
CA ASN C 284 12.92 -38.11 -24.26
C ASN C 284 14.44 -38.12 -24.21
N PRO C 285 15.02 -39.18 -23.65
CA PRO C 285 16.45 -39.20 -23.46
C PRO C 285 17.23 -39.41 -24.76
N ASP C 286 16.55 -39.87 -25.81
CA ASP C 286 17.13 -40.08 -27.16
C ASP C 286 17.46 -38.84 -27.97
N LYS C 287 16.79 -37.73 -27.72
CA LYS C 287 17.11 -36.46 -28.38
C LYS C 287 18.38 -35.87 -27.77
N ALA C 288 19.24 -35.31 -28.60
CA ALA C 288 20.52 -34.79 -28.17
C ALA C 288 20.55 -33.25 -28.18
N SER C 289 20.02 -32.61 -29.24
CA SER C 289 19.90 -31.12 -29.30
C SER C 289 18.58 -30.58 -28.75
N VAL C 290 18.68 -29.54 -27.97
CA VAL C 290 17.55 -28.63 -27.68
C VAL C 290 16.59 -28.45 -28.88
N PHE C 291 17.16 -28.25 -30.07
CA PHE C 291 16.41 -27.95 -31.30
C PHE C 291 15.83 -29.17 -32.01
N ASP C 292 16.14 -30.38 -31.51
CA ASP C 292 15.51 -31.65 -31.97
C ASP C 292 14.21 -32.04 -31.29
N PHE C 293 13.92 -31.44 -30.14
CA PHE C 293 12.74 -31.81 -29.39
C PHE C 293 11.49 -31.43 -30.17
N ASP C 294 10.51 -32.31 -30.18
CA ASP C 294 9.19 -32.00 -30.73
C ASP C 294 8.19 -32.15 -29.59
N MET C 295 6.89 -32.00 -29.88
CA MET C 295 5.85 -31.99 -28.85
C MET C 295 5.86 -33.25 -28.01
N GLU C 296 5.75 -34.39 -28.67
CA GLU C 296 5.60 -35.68 -27.95
C GLU C 296 6.82 -36.11 -27.13
N ASP C 297 7.92 -35.39 -27.30
CA ASP C 297 9.13 -35.59 -26.51
C ASP C 297 9.13 -34.93 -25.16
N ILE C 298 8.12 -34.10 -24.85
CA ILE C 298 8.08 -33.30 -23.60
C ILE C 298 6.73 -33.51 -22.89
N LYS C 299 6.79 -33.98 -21.64
CA LYS C 299 5.60 -34.31 -20.88
C LYS C 299 5.80 -33.91 -19.44
N VAL C 300 4.70 -33.67 -18.78
CA VAL C 300 4.67 -33.40 -17.37
C VAL C 300 3.81 -34.49 -16.76
N GLU C 301 4.27 -35.05 -15.64
CA GLU C 301 3.57 -36.14 -15.00
C GLU C 301 3.35 -35.86 -13.53
N GLY C 302 2.26 -36.38 -13.03
CA GLY C 302 1.87 -36.16 -11.65
C GLY C 302 1.30 -34.80 -11.38
N TYR C 303 0.72 -34.17 -12.41
CA TYR C 303 0.09 -32.84 -12.28
C TYR C 303 -1.37 -32.99 -11.88
N ASP C 304 -1.64 -32.72 -10.61
CA ASP C 304 -2.97 -32.81 -9.96
C ASP C 304 -3.24 -31.43 -9.36
N PRO C 305 -3.71 -30.47 -10.17
CA PRO C 305 -3.98 -29.09 -9.70
C PRO C 305 -5.43 -28.77 -9.33
N HIS C 306 -5.63 -27.64 -8.67
CA HIS C 306 -6.94 -27.10 -8.45
C HIS C 306 -7.60 -26.74 -9.82
N PRO C 307 -8.94 -26.56 -9.84
CA PRO C 307 -9.61 -26.16 -11.11
C PRO C 307 -9.05 -24.92 -11.89
N THR C 308 -9.35 -24.88 -13.20
CA THR C 308 -9.09 -23.71 -14.05
C THR C 308 -9.70 -22.42 -13.45
N ILE C 309 -8.91 -21.34 -13.36
CA ILE C 309 -9.48 -19.99 -13.10
C ILE C 309 -9.42 -19.15 -14.39
N LYS C 310 -10.58 -18.87 -14.99
CA LYS C 310 -10.66 -18.02 -16.21
C LYS C 310 -10.44 -16.51 -15.97
N ALA C 311 -9.75 -15.85 -16.89
CA ALA C 311 -9.62 -14.39 -16.85
C ALA C 311 -9.32 -13.85 -18.23
N PRO C 312 -9.84 -12.67 -18.57
CA PRO C 312 -9.62 -12.14 -19.90
C PRO C 312 -8.21 -11.55 -20.15
N ILE C 313 -7.71 -11.78 -21.34
CA ILE C 313 -6.45 -11.23 -21.74
C ILE C 313 -6.58 -9.73 -22.06
N ALA C 314 -5.58 -8.96 -21.65
CA ALA C 314 -5.49 -7.55 -22.01
C ALA C 314 -4.71 -7.45 -23.35
N VAL C 315 -5.35 -6.85 -24.35
CA VAL C 315 -4.77 -6.80 -25.65
C VAL C 315 -4.22 -5.41 -25.80
N MET D 1 -17.94 16.12 -0.60
CA MET D 1 -18.30 15.82 -2.02
C MET D 1 -18.21 14.30 -2.26
N GLU D 2 -18.93 13.82 -3.26
CA GLU D 2 -18.90 12.42 -3.64
C GLU D 2 -17.48 11.98 -3.92
N GLU D 3 -16.72 12.85 -4.58
CA GLU D 3 -15.31 12.59 -4.89
C GLU D 3 -14.53 12.14 -3.66
N ALA D 4 -14.79 12.77 -2.52
CA ALA D 4 -14.12 12.44 -1.26
C ALA D 4 -14.33 10.96 -0.90
N TYR D 5 -15.58 10.51 -0.99
CA TYR D 5 -15.92 9.10 -0.74
C TYR D 5 -15.25 8.18 -1.75
N LEU D 6 -15.34 8.55 -3.03
CA LEU D 6 -14.74 7.80 -4.11
C LEU D 6 -13.23 7.73 -3.92
N ALA D 7 -12.62 8.80 -3.45
CA ALA D 7 -11.19 8.77 -3.09
C ALA D 7 -10.82 7.82 -1.94
N LEU D 8 -11.69 7.69 -0.94
CA LEU D 8 -11.46 6.70 0.13
C LEU D 8 -11.32 5.31 -0.43
N GLY D 9 -12.29 4.90 -1.27
CA GLY D 9 -12.34 3.57 -1.90
C GLY D 9 -11.15 3.27 -2.81
N LYS D 10 -10.70 4.29 -3.56
CA LYS D 10 -9.47 4.19 -4.33
C LYS D 10 -8.30 3.95 -3.42
N LYS D 11 -8.20 4.74 -2.36
CA LYS D 11 -7.03 4.69 -1.50
C LYS D 11 -6.91 3.33 -0.80
N ILE D 12 -8.03 2.77 -0.36
CA ILE D 12 -8.00 1.42 0.20
C ILE D 12 -7.64 0.40 -0.88
N LEU D 13 -8.20 0.51 -2.09
CA LEU D 13 -7.82 -0.38 -3.19
C LEU D 13 -6.31 -0.38 -3.44
N GLU D 14 -5.72 0.80 -3.57
CA GLU D 14 -4.28 0.96 -3.72
C GLU D 14 -3.46 0.50 -2.50
N GLU D 15 -3.74 1.08 -1.33
CA GLU D 15 -2.83 0.99 -0.17
C GLU D 15 -3.28 0.14 1.00
N GLY D 16 -4.56 -0.18 1.09
CA GLY D 16 -5.07 -0.92 2.22
C GLY D 16 -4.49 -2.32 2.29
N HIS D 17 -3.71 -2.62 3.33
CA HIS D 17 -3.16 -3.97 3.54
C HIS D 17 -4.23 -4.98 3.98
N PHE D 18 -3.94 -6.26 3.77
CA PHE D 18 -4.90 -7.33 3.99
C PHE D 18 -4.98 -7.59 5.50
N LYS D 19 -6.15 -7.94 5.96
CA LYS D 19 -6.43 -8.05 7.38
C LYS D 19 -7.58 -9.04 7.56
N GLU D 20 -7.33 -10.10 8.35
CA GLU D 20 -8.37 -11.10 8.68
C GLU D 20 -9.43 -10.45 9.57
N ASP D 21 -10.65 -10.96 9.56
CA ASP D 21 -11.67 -10.34 10.37
C ASP D 21 -12.68 -11.33 10.92
N ARG D 22 -13.42 -10.82 11.91
CA ARG D 22 -14.46 -11.56 12.63
C ARG D 22 -15.39 -12.36 11.69
N THR D 23 -15.74 -11.75 10.56
CA THR D 23 -16.72 -12.29 9.64
C THR D 23 -16.20 -13.45 8.81
N GLY D 24 -14.88 -13.59 8.71
CA GLY D 24 -14.28 -14.61 7.86
C GLY D 24 -14.11 -14.27 6.38
N THR D 25 -14.64 -13.14 5.92
CA THR D 25 -14.64 -12.80 4.49
C THR D 25 -13.25 -12.40 4.00
N GLY D 26 -12.60 -11.55 4.79
CA GLY D 26 -11.31 -10.93 4.46
C GLY D 26 -11.53 -9.47 4.06
N THR D 27 -10.64 -8.58 4.51
CA THR D 27 -10.71 -7.18 4.15
C THR D 27 -9.34 -6.58 3.85
N TYR D 28 -9.36 -5.46 3.14
CA TYR D 28 -8.23 -4.59 2.93
C TYR D 28 -8.58 -3.38 3.75
N SER D 29 -7.61 -2.85 4.49
CA SER D 29 -7.94 -1.87 5.52
C SER D 29 -6.92 -0.74 5.69
N LEU D 30 -7.46 0.43 6.02
CA LEU D 30 -6.72 1.59 6.56
C LEU D 30 -7.24 1.95 7.93
N PHE D 31 -6.45 2.77 8.63
CA PHE D 31 -6.78 3.33 9.96
C PHE D 31 -6.58 4.85 10.02
N GLY D 32 -7.69 5.58 10.18
CA GLY D 32 -7.71 7.04 10.37
C GLY D 32 -8.06 7.73 9.08
N TYR D 33 -9.29 8.21 8.99
CA TYR D 33 -9.75 8.90 7.81
C TYR D 33 -10.78 9.95 8.18
N GLN D 34 -10.85 10.99 7.35
CA GLN D 34 -11.80 12.07 7.52
C GLN D 34 -12.32 12.61 6.16
N MET D 35 -13.61 12.45 5.93
CA MET D 35 -14.34 13.03 4.80
C MET D 35 -15.25 14.17 5.31
N ARG D 36 -15.37 15.24 4.50
CA ARG D 36 -16.29 16.37 4.82
C ARG D 36 -17.37 16.52 3.75
N PHE D 37 -18.61 16.71 4.13
CA PHE D 37 -19.67 17.04 3.18
C PHE D 37 -20.37 18.33 3.55
N ASP D 38 -20.14 19.37 2.78
CA ASP D 38 -20.97 20.57 2.85
C ASP D 38 -22.40 20.25 2.41
N LEU D 39 -23.34 20.29 3.35
CA LEU D 39 -24.72 19.83 3.08
C LEU D 39 -25.52 20.88 2.33
N ALA D 40 -25.08 22.15 2.41
CA ALA D 40 -25.55 23.21 1.53
C ALA D 40 -25.32 22.97 0.03
N LYS D 41 -24.32 22.17 -0.32
CA LYS D 41 -24.09 21.76 -1.73
C LYS D 41 -24.95 20.58 -2.26
N GLY D 42 -25.87 20.04 -1.46
CA GLY D 42 -26.75 18.92 -1.89
C GLY D 42 -26.80 17.77 -0.91
N PHE D 43 -27.86 16.99 -0.98
CA PHE D 43 -28.04 15.92 -0.01
C PHE D 43 -27.14 14.74 -0.39
N PRO D 44 -26.19 14.33 0.48
CA PRO D 44 -25.14 13.39 0.05
C PRO D 44 -25.57 11.90 -0.10
N LEU D 45 -26.42 11.65 -1.10
CA LEU D 45 -26.87 10.30 -1.47
C LEU D 45 -26.09 10.02 -2.73
N LEU D 46 -25.28 8.96 -2.70
CA LEU D 46 -24.35 8.66 -3.79
C LEU D 46 -25.07 8.53 -5.11
N THR D 47 -24.49 9.11 -6.16
CA THR D 47 -25.01 9.05 -7.51
C THR D 47 -24.28 8.03 -8.44
N THR D 48 -23.05 7.65 -8.12
CA THR D 48 -22.30 6.64 -8.90
C THR D 48 -22.81 5.21 -8.71
N LYS D 49 -23.75 5.03 -7.79
CA LYS D 49 -24.61 3.84 -7.78
C LYS D 49 -25.92 4.22 -7.09
N ARG D 50 -27.00 3.48 -7.41
CA ARG D 50 -28.27 3.61 -6.67
C ARG D 50 -28.13 3.14 -5.22
N VAL D 51 -28.46 4.06 -4.31
CA VAL D 51 -28.46 3.88 -2.87
C VAL D 51 -29.93 4.06 -2.41
N PRO D 52 -30.54 3.02 -1.77
CA PRO D 52 -31.98 3.07 -1.41
C PRO D 52 -32.38 3.93 -0.19
N PHE D 53 -32.72 5.18 -0.44
CA PHE D 53 -33.06 6.12 0.63
C PHE D 53 -34.20 5.68 1.56
N GLY D 54 -35.19 5.00 0.98
CA GLY D 54 -36.33 4.52 1.74
C GLY D 54 -35.84 3.68 2.91
N LEU D 55 -34.84 2.84 2.65
CA LEU D 55 -34.23 2.02 3.70
C LEU D 55 -33.43 2.84 4.72
N ILE D 56 -32.83 3.94 4.26
CA ILE D 56 -32.09 4.83 5.14
C ILE D 56 -33.08 5.52 6.06
N LYS D 57 -34.23 5.94 5.50
CA LYS D 57 -35.31 6.59 6.26
C LYS D 57 -35.78 5.75 7.39
N SER D 58 -36.21 4.53 7.06
CA SER D 58 -36.89 3.69 8.04
C SER D 58 -35.91 3.29 9.13
N GLU D 59 -34.63 3.01 8.76
CA GLU D 59 -33.57 2.75 9.77
C GLU D 59 -33.31 3.98 10.71
N LEU D 60 -33.41 5.20 10.18
CA LEU D 60 -33.29 6.38 11.00
C LEU D 60 -34.49 6.51 11.95
N LEU D 61 -35.71 6.41 11.40
CA LEU D 61 -36.90 6.54 12.20
C LEU D 61 -36.84 5.51 13.29
N TRP D 62 -36.58 4.29 12.89
CA TRP D 62 -36.42 3.18 13.81
C TRP D 62 -35.44 3.54 14.93
N PHE D 63 -34.32 4.21 14.60
CA PHE D 63 -33.37 4.63 15.64
C PHE D 63 -33.91 5.73 16.53
N LEU D 64 -34.65 6.66 15.94
CA LEU D 64 -35.18 7.81 16.69
C LEU D 64 -36.35 7.49 17.61
N LYS D 65 -37.23 6.59 17.22
CA LYS D 65 -38.28 6.15 18.14
C LYS D 65 -37.75 5.22 19.27
N GLY D 66 -36.44 4.90 19.28
CA GLY D 66 -35.83 4.16 20.40
C GLY D 66 -35.93 2.64 20.35
N ASP D 67 -36.24 2.11 19.17
CA ASP D 67 -36.67 0.72 19.01
C ASP D 67 -35.50 -0.13 18.46
N THR D 68 -35.35 -1.32 19.01
CA THR D 68 -34.29 -2.24 18.64
C THR D 68 -34.81 -3.58 18.12
N ASN D 69 -36.08 -3.63 17.77
CA ASN D 69 -36.69 -4.86 17.31
C ASN D 69 -36.91 -4.76 15.81
N ILE D 70 -36.47 -5.75 15.02
CA ILE D 70 -36.68 -5.65 13.58
C ILE D 70 -38.13 -5.63 13.05
N ARG D 71 -39.15 -5.95 13.84
CA ARG D 71 -40.52 -6.02 13.26
C ARG D 71 -40.87 -4.75 12.51
N TYR D 72 -40.62 -3.60 13.14
CA TYR D 72 -40.85 -2.29 12.53
C TYR D 72 -40.20 -2.22 11.15
N LEU D 73 -38.95 -2.67 11.08
CA LEU D 73 -38.16 -2.61 9.86
C LEU D 73 -38.77 -3.48 8.76
N LEU D 74 -39.16 -4.70 9.13
CA LEU D 74 -39.80 -5.64 8.23
C LEU D 74 -41.20 -5.19 7.83
N GLU D 75 -41.91 -4.44 8.67
CA GLU D 75 -43.23 -3.86 8.30
C GLU D 75 -43.12 -2.89 7.11
N ARG D 76 -41.98 -2.21 7.00
CA ARG D 76 -41.67 -1.30 5.90
C ARG D 76 -40.74 -1.92 4.82
N ASN D 77 -40.67 -3.25 4.82
CA ASN D 77 -39.92 -4.03 3.86
C ASN D 77 -38.44 -3.69 3.79
N ASN D 78 -37.87 -3.40 4.96
CA ASN D 78 -36.44 -3.19 5.13
C ASN D 78 -35.81 -4.40 5.81
N HIS D 79 -34.92 -5.11 5.09
CA HIS D 79 -34.31 -6.36 5.53
C HIS D 79 -32.82 -6.22 5.84
N ILE D 80 -32.36 -4.97 5.96
CA ILE D 80 -30.93 -4.73 6.16
C ILE D 80 -30.41 -5.14 7.54
N TRP D 81 -31.31 -5.28 8.50
CA TRP D 81 -30.91 -5.77 9.81
C TRP D 81 -31.25 -7.25 10.06
N ASP D 82 -31.79 -7.92 9.05
CA ASP D 82 -32.24 -9.28 9.19
C ASP D 82 -31.24 -10.30 9.67
N GLU D 83 -30.03 -10.29 9.11
CA GLU D 83 -29.12 -11.44 9.30
C GLU D 83 -28.70 -11.65 10.74
N TRP D 84 -28.56 -10.57 11.49
CA TRP D 84 -28.04 -10.70 12.84
C TRP D 84 -29.11 -11.27 13.76
N ALA D 85 -30.36 -10.99 13.45
CA ALA D 85 -31.50 -11.58 14.13
C ALA D 85 -31.67 -13.04 13.74
N PHE D 86 -31.55 -13.33 12.45
CA PHE D 86 -31.58 -14.69 11.97
C PHE D 86 -30.48 -15.51 12.62
N GLU D 87 -29.29 -14.96 12.69
CA GLU D 87 -28.16 -15.68 13.28
C GLU D 87 -28.46 -16.05 14.73
N ARG D 88 -29.01 -15.09 15.48
CA ARG D 88 -29.41 -15.34 16.86
C ARG D 88 -30.43 -16.47 16.95
N TYR D 89 -31.41 -16.46 16.04
CA TYR D 89 -32.50 -17.47 15.97
C TYR D 89 -31.96 -18.89 15.70
N VAL D 90 -31.05 -19.01 14.73
CA VAL D 90 -30.52 -20.30 14.32
C VAL D 90 -29.60 -20.91 15.38
N LYS D 91 -28.96 -20.07 16.20
CA LYS D 91 -28.13 -20.56 17.32
C LYS D 91 -28.97 -20.93 18.55
N SER D 92 -30.28 -20.63 18.53
CA SER D 92 -31.14 -20.84 19.68
C SER D 92 -31.59 -22.27 19.77
N ALA D 93 -32.22 -22.62 20.89
CA ALA D 93 -32.85 -23.92 21.10
C ALA D 93 -34.10 -24.11 20.25
N ASP D 94 -34.75 -23.02 19.94
CA ASP D 94 -36.05 -23.06 19.25
C ASP D 94 -35.97 -23.39 17.77
N TYR D 95 -34.79 -23.31 17.15
CA TYR D 95 -34.67 -23.48 15.70
C TYR D 95 -34.47 -24.94 15.29
N GLN D 96 -35.20 -25.40 14.28
CA GLN D 96 -35.10 -26.81 13.85
C GLN D 96 -35.15 -27.08 12.34
N GLY D 97 -34.83 -26.09 11.53
CA GLY D 97 -34.51 -26.34 10.13
C GLY D 97 -33.08 -26.86 9.94
N PRO D 98 -32.64 -26.94 8.68
CA PRO D 98 -31.29 -27.39 8.40
C PRO D 98 -30.18 -26.52 9.00
N ASP D 99 -29.06 -27.17 9.28
CA ASP D 99 -27.90 -26.51 9.85
C ASP D 99 -27.57 -25.21 9.07
N MET D 100 -27.72 -24.06 9.72
CA MET D 100 -27.32 -22.76 9.17
C MET D 100 -25.94 -22.26 9.68
N THR D 101 -25.08 -23.15 10.16
CA THR D 101 -23.69 -22.79 10.47
C THR D 101 -23.11 -22.14 9.22
N ASP D 102 -22.58 -20.93 9.37
CA ASP D 102 -21.79 -20.26 8.32
C ASP D 102 -22.60 -19.78 7.10
N PHE D 103 -23.91 -19.49 7.27
CA PHE D 103 -24.78 -19.17 6.12
C PHE D 103 -24.26 -18.00 5.30
N GLY D 104 -23.63 -17.02 5.98
CA GLY D 104 -23.11 -15.82 5.36
C GLY D 104 -22.17 -16.09 4.21
N HIS D 105 -21.36 -17.13 4.38
CA HIS D 105 -20.41 -17.59 3.36
C HIS D 105 -20.94 -18.70 2.43
N ARG D 106 -21.75 -19.61 2.95
CA ARG D 106 -22.20 -20.78 2.17
C ARG D 106 -23.24 -20.47 1.10
N VAL D 107 -24.02 -19.40 1.25
CA VAL D 107 -24.97 -18.98 0.18
C VAL D 107 -24.26 -18.64 -1.16
N LEU D 108 -23.03 -18.16 -1.08
CA LEU D 108 -22.24 -17.81 -2.27
C LEU D 108 -21.69 -19.03 -3.03
N GLN D 109 -21.29 -20.07 -2.29
CA GLN D 109 -20.56 -21.22 -2.84
C GLN D 109 -21.45 -22.40 -3.24
N ASP D 110 -22.63 -22.53 -2.62
CA ASP D 110 -23.44 -23.77 -2.68
C ASP D 110 -24.93 -23.47 -2.99
N PRO D 111 -25.39 -23.75 -4.23
CA PRO D 111 -26.71 -23.24 -4.64
C PRO D 111 -27.92 -23.87 -3.95
N ALA D 112 -27.90 -25.19 -3.73
CA ALA D 112 -28.98 -25.88 -3.00
C ALA D 112 -29.04 -25.50 -1.52
N PHE D 113 -27.90 -25.06 -0.95
CA PHE D 113 -27.90 -24.47 0.39
C PHE D 113 -28.55 -23.07 0.43
N ALA D 114 -28.23 -22.22 -0.54
CA ALA D 114 -28.76 -20.85 -0.61
C ALA D 114 -30.28 -20.83 -0.70
N GLU D 115 -30.80 -21.79 -1.46
CA GLU D 115 -32.25 -22.14 -1.56
C GLU D 115 -32.83 -22.48 -0.17
N GLN D 116 -32.10 -23.29 0.60
CA GLN D 116 -32.47 -23.68 1.97
C GLN D 116 -32.46 -22.46 2.93
N TYR D 117 -31.35 -21.72 2.93
CA TYR D 117 -31.30 -20.45 3.65
C TYR D 117 -32.49 -19.51 3.29
N LYS D 118 -32.67 -19.29 1.99
CA LYS D 118 -33.81 -18.54 1.44
C LYS D 118 -35.17 -19.01 2.00
N GLU D 119 -35.38 -20.32 2.12
CA GLU D 119 -36.61 -20.87 2.72
C GLU D 119 -36.75 -20.49 4.20
N GLU D 120 -35.69 -20.72 4.97
CA GLU D 120 -35.70 -20.46 6.41
C GLU D 120 -35.86 -18.99 6.71
N HIS D 121 -35.07 -18.19 6.02
CA HIS D 121 -35.16 -16.73 6.08
C HIS D 121 -36.59 -16.25 5.84
N GLN D 122 -37.28 -16.80 4.85
CA GLN D 122 -38.69 -16.46 4.59
C GLN D 122 -39.68 -16.84 5.69
N LYS D 123 -39.48 -17.98 6.35
CA LYS D 123 -40.34 -18.37 7.48
C LYS D 123 -40.02 -17.58 8.74
N PHE D 124 -38.75 -17.18 8.90
CA PHE D 124 -38.28 -16.31 9.98
C PHE D 124 -39.00 -14.97 9.92
N CYS D 125 -38.95 -14.29 8.77
CA CYS D 125 -39.61 -12.99 8.60
C CYS D 125 -41.13 -13.08 8.80
N ASP D 126 -41.76 -14.08 8.19
CA ASP D 126 -43.21 -14.30 8.36
C ASP D 126 -43.61 -14.62 9.82
N ALA D 127 -42.71 -15.22 10.58
CA ALA D 127 -42.94 -15.46 12.01
C ALA D 127 -42.81 -14.17 12.84
N ILE D 128 -41.77 -13.37 12.55
CA ILE D 128 -41.56 -12.05 13.18
C ILE D 128 -42.78 -11.17 12.91
N LEU D 129 -43.22 -11.15 11.67
CA LEU D 129 -44.34 -10.28 11.24
C LEU D 129 -45.72 -10.74 11.80
N ASN D 130 -45.88 -12.05 12.06
CA ASN D 130 -47.19 -12.61 12.50
C ASN D 130 -47.26 -13.41 13.82
N ASP D 131 -46.16 -13.55 14.55
CA ASP D 131 -46.17 -14.22 15.88
C ASP D 131 -45.50 -13.32 16.92
N ALA D 132 -46.33 -12.63 17.72
CA ALA D 132 -45.87 -11.62 18.68
C ALA D 132 -44.89 -12.16 19.71
N GLU D 133 -45.11 -13.38 20.18
CA GLU D 133 -44.13 -14.04 21.03
C GLU D 133 -42.77 -14.22 20.33
N PHE D 134 -42.80 -14.63 19.06
CA PHE D 134 -41.58 -14.87 18.28
C PHE D 134 -40.86 -13.56 18.00
N ALA D 135 -41.58 -12.60 17.41
CA ALA D 135 -41.09 -11.23 17.22
C ALA D 135 -40.34 -10.72 18.44
N GLU D 136 -40.99 -10.90 19.59
CA GLU D 136 -40.53 -10.41 20.89
C GLU D 136 -39.23 -11.06 21.32
N LYS D 137 -39.15 -12.39 21.22
CA LYS D 137 -37.90 -13.11 21.56
C LYS D 137 -36.84 -12.97 20.49
N TYR D 138 -37.19 -13.13 19.22
CA TYR D 138 -36.21 -13.29 18.13
C TYR D 138 -35.97 -12.09 17.16
N GLY D 139 -36.88 -11.11 17.14
CA GLY D 139 -36.58 -9.84 16.47
C GLY D 139 -35.62 -8.89 17.20
N GLU D 140 -35.29 -9.22 18.46
CA GLU D 140 -34.55 -8.35 19.39
C GLU D 140 -33.07 -8.36 19.06
N LEU D 141 -32.44 -7.17 19.08
CA LEU D 141 -31.00 -7.01 18.79
C LEU D 141 -30.09 -6.61 19.97
N GLY D 142 -30.71 -6.38 21.13
CA GLY D 142 -30.03 -5.82 22.31
C GLY D 142 -30.10 -4.30 22.25
N ASN D 143 -29.34 -3.67 23.15
CA ASN D 143 -29.34 -2.20 23.30
C ASN D 143 -28.43 -1.51 22.28
N ILE D 144 -28.85 -1.63 21.01
CA ILE D 144 -28.17 -1.04 19.86
C ILE D 144 -28.64 0.40 19.72
N TYR D 145 -28.08 1.12 18.74
CA TYR D 145 -28.24 2.60 18.57
C TYR D 145 -29.46 3.26 19.24
N GLY D 146 -30.65 2.76 18.88
CA GLY D 146 -31.93 3.28 19.37
C GLY D 146 -32.09 3.25 20.87
N ALA D 147 -31.73 2.13 21.50
CA ALA D 147 -31.83 2.05 22.95
C ALA D 147 -30.85 3.07 23.64
N GLN D 148 -29.70 3.33 23.03
CA GLN D 148 -28.67 4.18 23.64
C GLN D 148 -28.94 5.68 23.44
N TRP D 149 -29.51 6.02 22.29
CA TRP D 149 -29.91 7.39 21.94
C TRP D 149 -31.12 7.89 22.73
N ARG D 150 -32.09 7.00 22.97
CA ARG D 150 -33.35 7.33 23.66
C ARG D 150 -33.49 6.88 25.11
N HIS D 151 -32.72 5.87 25.52
CA HIS D 151 -33.02 5.13 26.76
C HIS D 151 -31.75 4.45 27.31
N TRP D 152 -30.66 5.22 27.38
CA TRP D 152 -29.42 4.80 28.03
C TRP D 152 -29.69 4.63 29.51
N GLU D 153 -29.56 3.41 30.00
CA GLU D 153 -30.07 3.01 31.31
C GLU D 153 -29.12 3.42 32.40
N THR D 154 -29.63 4.07 33.44
CA THR D 154 -28.77 4.58 34.52
C THR D 154 -28.55 3.52 35.62
N LYS D 155 -27.61 3.83 36.50
CA LYS D 155 -27.27 3.01 37.66
C LYS D 155 -28.37 2.94 38.71
N ASP D 156 -29.16 4.00 38.85
CA ASP D 156 -30.20 4.08 39.90
C ASP D 156 -31.66 3.90 39.41
N GLY D 157 -31.88 3.07 38.40
CA GLY D 157 -33.22 2.64 38.00
C GLY D 157 -33.96 3.53 37.01
N SER D 158 -33.24 4.34 36.21
CA SER D 158 -33.87 5.23 35.25
C SER D 158 -33.16 5.19 33.87
N PHE D 159 -33.43 6.18 33.02
CA PHE D 159 -32.81 6.26 31.68
C PHE D 159 -32.53 7.69 31.23
N ILE D 160 -31.45 7.89 30.50
CA ILE D 160 -31.12 9.18 29.91
C ILE D 160 -31.51 9.19 28.45
N ASP D 161 -32.28 10.22 28.06
CA ASP D 161 -32.63 10.42 26.66
C ASP D 161 -31.57 11.32 26.00
N GLN D 162 -30.48 10.71 25.58
CA GLN D 162 -29.31 11.43 25.07
C GLN D 162 -29.61 12.39 23.92
N LEU D 163 -30.24 11.85 22.89
CA LEU D 163 -30.55 12.60 21.71
C LEU D 163 -31.42 13.79 22.04
N ALA D 164 -32.49 13.58 22.78
CA ALA D 164 -33.40 14.67 23.06
C ALA D 164 -32.67 15.77 23.88
N ASN D 165 -31.82 15.37 24.84
CA ASN D 165 -31.05 16.36 25.62
C ASN D 165 -30.15 17.22 24.74
N VAL D 166 -29.46 16.61 23.79
CA VAL D 166 -28.48 17.32 22.98
C VAL D 166 -29.21 18.28 22.06
N ILE D 167 -30.41 17.91 21.61
CA ILE D 167 -31.21 18.77 20.75
C ILE D 167 -31.56 20.06 21.50
N GLU D 168 -31.86 19.92 22.79
CA GLU D 168 -32.29 21.03 23.62
C GLU D 168 -31.11 21.93 24.08
N MET D 169 -29.95 21.33 24.36
CA MET D 169 -28.69 22.10 24.51
C MET D 169 -28.33 22.89 23.22
N ILE D 170 -28.64 22.35 22.03
CA ILE D 170 -28.41 23.08 20.79
C ILE D 170 -29.26 24.36 20.75
N LYS D 171 -30.51 24.28 21.20
CA LYS D 171 -31.44 25.41 21.19
C LYS D 171 -31.04 26.48 22.19
N THR D 172 -30.69 26.11 23.42
CA THR D 172 -30.31 27.07 24.47
C THR D 172 -28.81 27.31 24.66
N ASN D 173 -27.96 26.38 24.24
CA ASN D 173 -26.50 26.43 24.41
C ASN D 173 -25.75 26.07 23.11
N PRO D 174 -25.99 26.81 22.03
CA PRO D 174 -25.48 26.37 20.72
C PRO D 174 -23.94 26.29 20.61
N ASP D 175 -23.23 26.94 21.53
CA ASP D 175 -21.75 26.97 21.58
C ASP D 175 -21.12 25.97 22.56
N SER D 176 -21.92 25.23 23.30
CA SER D 176 -21.38 24.15 24.15
C SER D 176 -20.45 23.22 23.37
N ARG D 177 -19.46 22.71 24.07
CA ARG D 177 -18.53 21.77 23.46
C ARG D 177 -18.85 20.31 23.83
N ARG D 178 -20.08 20.06 24.29
CA ARG D 178 -20.55 18.76 24.79
C ARG D 178 -21.84 18.28 24.11
N LEU D 179 -22.11 18.78 22.90
CA LEU D 179 -23.23 18.32 22.09
C LEU D 179 -22.90 16.92 21.54
N ILE D 180 -22.92 15.93 22.44
CA ILE D 180 -22.37 14.60 22.17
C ILE D 180 -23.47 13.54 22.40
N VAL D 181 -23.59 12.61 21.46
CA VAL D 181 -24.37 11.41 21.65
C VAL D 181 -23.43 10.24 21.44
N SER D 182 -23.35 9.36 22.44
CA SER D 182 -22.58 8.15 22.34
C SER D 182 -23.49 6.93 22.33
N ALA D 183 -23.15 5.99 21.44
CA ALA D 183 -23.81 4.67 21.48
C ALA D 183 -22.91 3.64 22.15
N TRP D 184 -21.65 3.96 22.45
CA TRP D 184 -20.77 2.99 23.08
C TRP D 184 -20.96 2.91 24.59
N ASN D 185 -21.76 1.96 25.03
CA ASN D 185 -22.05 1.78 26.43
C ASN D 185 -21.41 0.47 26.86
N PRO D 186 -20.24 0.54 27.58
CA PRO D 186 -19.39 -0.66 27.86
C PRO D 186 -20.12 -1.75 28.58
N GLU D 187 -21.10 -1.36 29.39
CA GLU D 187 -21.94 -2.36 30.04
C GLU D 187 -22.71 -3.24 29.06
N ASP D 188 -23.29 -2.61 28.02
CA ASP D 188 -24.25 -3.27 27.11
C ASP D 188 -23.60 -3.89 25.88
N VAL D 189 -22.36 -3.53 25.58
CA VAL D 189 -21.65 -4.05 24.39
C VAL D 189 -21.77 -5.58 24.19
N PRO D 190 -21.40 -6.42 25.19
CA PRO D 190 -21.51 -7.87 24.95
C PRO D 190 -22.93 -8.38 24.68
N SER D 191 -23.93 -7.68 25.17
CA SER D 191 -25.35 -7.97 24.91
C SER D 191 -25.76 -7.69 23.45
N MET D 192 -25.03 -6.76 22.79
CA MET D 192 -25.45 -6.23 21.50
C MET D 192 -25.21 -7.25 20.39
N ALA D 193 -26.18 -7.35 19.48
CA ALA D 193 -26.06 -8.17 18.29
C ALA D 193 -24.79 -7.77 17.59
N LEU D 194 -24.53 -6.46 17.53
CA LEU D 194 -23.21 -5.92 17.12
C LEU D 194 -22.90 -4.62 17.87
N PRO D 195 -21.64 -4.40 18.28
CA PRO D 195 -21.36 -3.08 18.89
C PRO D 195 -21.55 -1.95 17.86
N PRO D 196 -21.81 -0.70 18.30
CA PRO D 196 -22.09 0.31 17.26
C PRO D 196 -20.92 0.62 16.30
N CYS D 197 -21.15 0.45 15.00
CA CYS D 197 -20.15 0.78 13.98
C CYS D 197 -19.92 2.32 13.94
N HIS D 198 -21.00 3.07 13.86
CA HIS D 198 -20.98 4.52 14.05
C HIS D 198 -21.16 4.77 15.53
N THR D 199 -20.06 5.08 16.20
CA THR D 199 -19.94 4.87 17.64
C THR D 199 -20.44 6.07 18.42
N MET D 200 -20.13 7.26 17.93
CA MET D 200 -20.33 8.49 18.69
C MET D 200 -20.37 9.69 17.75
N PHE D 201 -21.15 10.72 18.11
CA PHE D 201 -21.24 11.93 17.28
C PHE D 201 -21.39 13.25 18.07
N GLN D 202 -20.94 14.33 17.44
CA GLN D 202 -20.82 15.63 18.04
C GLN D 202 -21.38 16.70 17.09
N PHE D 203 -22.09 17.67 17.63
CA PHE D 203 -22.60 18.79 16.89
C PHE D 203 -21.86 20.09 17.26
N TYR D 204 -21.93 21.06 16.33
CA TYR D 204 -21.27 22.37 16.46
C TYR D 204 -22.08 23.43 15.71
N VAL D 205 -21.96 24.67 16.16
CA VAL D 205 -22.77 25.80 15.64
C VAL D 205 -21.93 27.06 15.41
N ASN D 206 -22.00 27.60 14.19
CA ASN D 206 -21.44 28.91 13.90
C ASN D 206 -22.31 29.63 12.90
N GLU D 207 -22.44 30.94 13.12
CA GLU D 207 -23.27 31.85 12.28
C GLU D 207 -24.57 31.15 11.78
N GLY D 208 -25.33 30.59 12.71
CA GLY D 208 -26.65 30.00 12.44
C GLY D 208 -26.74 28.74 11.60
N LYS D 209 -25.63 28.00 11.48
CA LYS D 209 -25.50 26.70 10.75
C LYS D 209 -25.12 25.54 11.69
N LEU D 210 -25.77 24.39 11.54
CA LEU D 210 -25.51 23.22 12.41
C LEU D 210 -24.58 22.23 11.67
N SER D 211 -23.45 21.88 12.30
CA SER D 211 -22.51 20.91 11.74
C SER D 211 -22.40 19.70 12.66
N CYS D 212 -22.03 18.56 12.09
CA CYS D 212 -22.00 17.30 12.84
C CYS D 212 -20.77 16.55 12.44
N GLN D 213 -20.07 16.03 13.43
CA GLN D 213 -19.01 15.08 13.22
C GLN D 213 -19.43 13.71 13.79
N LEU D 214 -19.23 12.65 12.99
CA LEU D 214 -19.36 11.28 13.40
C LEU D 214 -17.99 10.62 13.55
N TYR D 215 -17.79 9.94 14.70
CA TYR D 215 -16.70 8.98 14.85
C TYR D 215 -17.24 7.56 14.60
N GLN D 216 -16.64 6.88 13.64
CA GLN D 216 -17.08 5.56 13.23
C GLN D 216 -15.93 4.57 13.37
N ARG D 217 -16.02 3.67 14.37
CA ARG D 217 -14.91 2.76 14.74
C ARG D 217 -14.57 1.71 13.69
N SER D 218 -15.50 1.46 12.78
CA SER D 218 -15.42 0.35 11.85
C SER D 218 -16.34 0.72 10.72
N ALA D 219 -15.76 0.85 9.52
CA ALA D 219 -16.42 1.44 8.37
C ALA D 219 -16.32 0.48 7.17
N ASP D 220 -17.44 -0.20 6.90
CA ASP D 220 -17.66 -1.03 5.71
C ASP D 220 -17.84 -0.13 4.52
N VAL D 221 -16.81 -0.02 3.72
CA VAL D 221 -16.70 1.09 2.76
C VAL D 221 -17.68 1.03 1.57
N PHE D 222 -17.81 -0.12 0.91
CA PHE D 222 -18.76 -0.24 -0.21
C PHE D 222 -20.23 -0.25 0.22
N LEU D 223 -20.58 -1.03 1.24
CA LEU D 223 -22.02 -1.22 1.57
C LEU D 223 -22.58 -0.29 2.62
N GLY D 224 -21.84 -0.14 3.71
CA GLY D 224 -22.28 0.60 4.86
C GLY D 224 -22.16 2.09 4.75
N VAL D 225 -20.94 2.57 4.53
CA VAL D 225 -20.59 4.02 4.45
C VAL D 225 -21.57 4.83 3.59
N PRO D 226 -22.02 4.29 2.44
CA PRO D 226 -23.08 5.03 1.73
C PRO D 226 -24.38 5.18 2.52
N PHE D 227 -24.70 4.20 3.35
CA PHE D 227 -25.83 4.31 4.28
C PHE D 227 -25.54 5.35 5.40
N ASN D 228 -24.45 5.16 6.13
CA ASN D 228 -24.09 6.05 7.23
C ASN D 228 -24.01 7.52 6.86
N ILE D 229 -23.34 7.85 5.74
CA ILE D 229 -23.30 9.27 5.27
C ILE D 229 -24.72 9.85 5.15
N ALA D 230 -25.60 9.14 4.44
CA ALA D 230 -26.98 9.58 4.23
C ALA D 230 -27.79 9.60 5.49
N SER D 231 -27.55 8.61 6.35
CA SER D 231 -28.22 8.51 7.64
C SER D 231 -27.94 9.76 8.51
N TYR D 232 -26.65 10.10 8.66
CA TYR D 232 -26.22 11.22 9.53
C TYR D 232 -26.50 12.59 8.91
N ALA D 233 -26.45 12.66 7.58
CA ALA D 233 -26.92 13.86 6.86
C ALA D 233 -28.40 14.15 7.10
N LEU D 234 -29.23 13.11 6.95
CA LEU D 234 -30.68 13.20 7.25
C LEU D 234 -30.94 13.60 8.70
N LEU D 235 -30.22 12.98 9.62
CA LEU D 235 -30.35 13.34 11.02
C LEU D 235 -30.06 14.82 11.25
N THR D 236 -29.04 15.33 10.59
CA THR D 236 -28.61 16.72 10.74
C THR D 236 -29.65 17.69 10.18
N HIS D 237 -30.25 17.40 9.02
CA HIS D 237 -31.35 18.24 8.47
C HIS D 237 -32.58 18.23 9.43
N LEU D 238 -32.84 17.08 10.05
CA LEU D 238 -33.94 16.94 11.00
C LEU D 238 -33.69 17.82 12.21
N ILE D 239 -32.50 17.77 12.76
CA ILE D 239 -32.19 18.58 13.93
C ILE D 239 -32.13 20.08 13.60
N ALA D 240 -31.57 20.46 12.46
CA ALA D 240 -31.58 21.83 11.98
C ALA D 240 -32.99 22.37 11.77
N HIS D 241 -33.87 21.55 11.20
CA HIS D 241 -35.30 21.86 11.12
C HIS D 241 -35.90 22.14 12.51
N GLU D 242 -35.83 21.19 13.45
CA GLU D 242 -36.38 21.43 14.82
C GLU D 242 -35.79 22.69 15.46
N THR D 243 -34.46 22.86 15.37
CA THR D 243 -33.74 23.89 16.13
C THR D 243 -33.70 25.26 15.44
N GLY D 244 -34.29 25.38 14.25
CA GLY D 244 -34.44 26.65 13.54
C GLY D 244 -33.18 27.17 12.88
N LEU D 245 -32.35 26.23 12.45
CA LEU D 245 -30.98 26.51 11.99
C LEU D 245 -30.78 26.06 10.54
N GLU D 246 -29.80 26.66 9.90
CA GLU D 246 -29.37 26.22 8.59
C GLU D 246 -28.46 25.00 8.74
N VAL D 247 -28.21 24.36 7.61
CA VAL D 247 -27.47 23.11 7.57
C VAL D 247 -25.99 23.38 7.22
N GLY D 248 -25.08 22.70 7.94
CA GLY D 248 -23.63 23.01 7.85
C GLY D 248 -22.81 21.96 7.09
N GLU D 249 -21.71 21.50 7.69
CA GLU D 249 -20.92 20.36 7.20
C GLU D 249 -21.20 19.07 7.99
N PHE D 250 -21.26 17.94 7.29
CA PHE D 250 -21.19 16.61 7.94
C PHE D 250 -19.76 16.10 7.78
N VAL D 251 -19.08 15.81 8.88
CA VAL D 251 -17.70 15.40 8.86
C VAL D 251 -17.66 13.91 9.31
N HIS D 252 -17.17 13.05 8.42
CA HIS D 252 -17.15 11.62 8.69
C HIS D 252 -15.75 11.18 9.04
N THR D 253 -15.52 10.87 10.30
CA THR D 253 -14.23 10.33 10.77
C THR D 253 -14.32 8.82 10.95
N LEU D 254 -13.28 8.11 10.56
CA LEU D 254 -13.25 6.62 10.59
C LEU D 254 -12.09 6.06 11.40
N GLY D 255 -12.33 4.95 12.10
CA GLY D 255 -11.27 4.07 12.59
C GLY D 255 -10.81 3.11 11.48
N ASP D 256 -11.20 1.83 11.59
CA ASP D 256 -10.88 0.82 10.60
C ASP D 256 -11.84 1.06 9.44
N ALA D 257 -11.37 1.71 8.38
CA ALA D 257 -12.10 1.74 7.10
C ALA D 257 -11.70 0.56 6.23
N HIS D 258 -12.66 -0.33 5.95
CA HIS D 258 -12.34 -1.54 5.24
C HIS D 258 -13.17 -1.78 3.98
N LEU D 259 -12.50 -2.37 3.00
CA LEU D 259 -13.13 -2.90 1.84
C LEU D 259 -13.03 -4.42 1.96
N TYR D 260 -14.19 -5.03 2.10
CA TYR D 260 -14.33 -6.46 2.00
C TYR D 260 -13.69 -6.98 0.69
N GLN D 261 -12.90 -8.03 0.75
CA GLN D 261 -12.24 -8.55 -0.46
C GLN D 261 -13.22 -8.98 -1.56
N ASN D 262 -14.45 -9.31 -1.18
CA ASN D 262 -15.49 -9.57 -2.18
C ASN D 262 -16.36 -8.36 -2.61
N HIS D 263 -15.94 -7.14 -2.25
CA HIS D 263 -16.51 -5.89 -2.79
C HIS D 263 -15.60 -5.13 -3.84
N VAL D 264 -14.47 -5.73 -4.20
CA VAL D 264 -13.47 -5.03 -5.00
C VAL D 264 -13.94 -4.75 -6.42
N GLU D 265 -14.52 -5.73 -7.12
CA GLU D 265 -14.99 -5.52 -8.49
C GLU D 265 -16.07 -4.47 -8.57
N GLN D 266 -16.93 -4.49 -7.54
CA GLN D 266 -17.95 -3.46 -7.33
C GLN D 266 -17.34 -2.08 -7.15
N MET D 267 -16.33 -1.94 -6.28
CA MET D 267 -15.71 -0.65 -6.02
C MET D 267 -14.92 -0.10 -7.21
N GLN D 268 -14.34 -0.97 -8.03
CA GLN D 268 -13.68 -0.58 -9.27
C GLN D 268 -14.70 -0.09 -10.31
N GLU D 269 -15.78 -0.86 -10.49
CA GLU D 269 -16.86 -0.54 -11.43
C GLU D 269 -17.52 0.79 -11.02
N GLN D 270 -17.66 1.04 -9.71
CA GLN D 270 -18.13 2.33 -9.23
C GLN D 270 -17.18 3.49 -9.58
N LEU D 271 -15.87 3.24 -9.52
CA LEU D 271 -14.87 4.25 -9.87
C LEU D 271 -14.83 4.59 -11.36
N SER D 272 -15.33 3.71 -12.22
CA SER D 272 -15.36 4.00 -13.64
C SER D 272 -16.51 4.93 -14.07
N ARG D 273 -17.30 5.47 -13.14
CA ARG D 273 -18.52 6.16 -13.50
C ARG D 273 -18.42 7.65 -13.18
N GLU D 274 -18.94 8.49 -14.06
CA GLU D 274 -18.98 9.94 -13.82
C GLU D 274 -19.97 10.35 -12.69
N VAL D 275 -19.50 11.24 -11.82
CA VAL D 275 -20.32 11.84 -10.74
C VAL D 275 -21.43 12.76 -11.30
N ARG D 276 -22.65 12.66 -10.73
CA ARG D 276 -23.83 13.46 -11.11
C ARG D 276 -24.22 14.43 -9.94
N SER D 277 -25.18 15.34 -10.17
CA SER D 277 -25.67 16.23 -9.13
C SER D 277 -26.17 15.42 -7.96
N PHE D 278 -25.86 15.84 -6.73
CA PHE D 278 -26.54 15.29 -5.55
C PHE D 278 -28.02 15.70 -5.57
N PRO D 279 -28.90 14.89 -4.99
CA PRO D 279 -30.28 15.35 -4.86
C PRO D 279 -30.47 16.47 -3.82
N THR D 280 -31.75 16.89 -3.67
CA THR D 280 -32.22 17.82 -2.62
C THR D 280 -33.12 17.08 -1.66
N LEU D 281 -32.93 17.32 -0.37
CA LEU D 281 -33.81 16.74 0.64
C LEU D 281 -35.03 17.63 0.80
N VAL D 282 -36.18 17.01 1.04
CA VAL D 282 -37.43 17.70 1.28
C VAL D 282 -38.06 17.17 2.56
N LEU D 283 -38.38 18.07 3.46
CA LEU D 283 -38.99 17.77 4.74
C LEU D 283 -40.34 18.45 4.91
N ASN D 284 -41.25 17.85 5.69
CA ASN D 284 -42.54 18.44 6.04
C ASN D 284 -42.37 19.68 6.93
N PRO D 285 -42.75 20.86 6.43
CA PRO D 285 -42.60 22.03 7.30
C PRO D 285 -43.55 22.04 8.52
N ASP D 286 -44.63 21.26 8.47
CA ASP D 286 -45.61 21.15 9.57
C ASP D 286 -45.10 20.45 10.83
N LYS D 287 -44.27 19.43 10.67
CA LYS D 287 -43.60 18.78 11.78
C LYS D 287 -42.59 19.71 12.47
N ALA D 288 -42.67 19.73 13.79
CA ALA D 288 -41.89 20.59 14.67
C ALA D 288 -40.74 19.85 15.34
N SER D 289 -40.99 18.64 15.86
CA SER D 289 -39.95 17.86 16.54
C SER D 289 -39.35 16.82 15.60
N VAL D 290 -38.03 16.68 15.68
CA VAL D 290 -37.29 15.53 15.16
C VAL D 290 -38.10 14.23 15.32
N PHE D 291 -38.64 13.99 16.52
CA PHE D 291 -39.39 12.75 16.86
C PHE D 291 -40.82 12.64 16.34
N ASP D 292 -41.34 13.69 15.70
CA ASP D 292 -42.65 13.66 15.02
C ASP D 292 -42.61 13.17 13.54
N PHE D 293 -41.43 13.01 12.95
CA PHE D 293 -41.35 12.75 11.51
C PHE D 293 -41.67 11.27 11.25
N ASP D 294 -42.43 11.03 10.18
CA ASP D 294 -42.83 9.70 9.72
C ASP D 294 -42.30 9.52 8.30
N MET D 295 -42.49 8.34 7.70
CA MET D 295 -41.95 8.03 6.34
C MET D 295 -42.40 9.01 5.26
N GLU D 296 -43.66 9.42 5.27
CA GLU D 296 -44.15 10.34 4.22
C GLU D 296 -43.64 11.78 4.35
N ASP D 297 -43.09 12.13 5.52
CA ASP D 297 -42.61 13.47 5.80
C ASP D 297 -41.22 13.77 5.26
N ILE D 298 -40.53 12.76 4.70
CA ILE D 298 -39.13 12.85 4.24
C ILE D 298 -38.98 12.25 2.83
N LYS D 299 -38.71 13.09 1.83
CA LYS D 299 -38.38 12.63 0.48
C LYS D 299 -37.08 13.24 0.03
N VAL D 300 -36.58 12.69 -1.04
CA VAL D 300 -35.40 13.20 -1.69
C VAL D 300 -35.90 13.33 -3.12
N GLU D 301 -35.57 14.43 -3.76
CA GLU D 301 -36.01 14.67 -5.13
C GLU D 301 -34.80 15.09 -5.98
N GLY D 302 -34.92 14.84 -7.27
CA GLY D 302 -33.83 15.04 -8.24
C GLY D 302 -32.80 13.92 -8.33
N TYR D 303 -33.06 12.78 -7.69
CA TYR D 303 -32.09 11.67 -7.60
C TYR D 303 -32.09 10.85 -8.89
N ASP D 304 -31.00 10.93 -9.61
CA ASP D 304 -30.89 10.34 -10.93
C ASP D 304 -29.50 9.67 -10.99
N PRO D 305 -29.31 8.58 -10.23
CA PRO D 305 -28.03 7.91 -10.15
C PRO D 305 -27.80 6.86 -11.27
N HIS D 306 -26.58 6.34 -11.31
CA HIS D 306 -26.22 5.21 -12.13
C HIS D 306 -26.88 3.93 -11.57
N PRO D 307 -26.78 2.80 -12.29
CA PRO D 307 -27.46 1.60 -11.78
C PRO D 307 -26.94 0.99 -10.46
N THR D 308 -27.86 0.37 -9.73
CA THR D 308 -27.55 -0.55 -8.63
C THR D 308 -26.31 -1.43 -8.90
N ILE D 309 -25.32 -1.37 -8.00
CA ILE D 309 -24.25 -2.38 -7.92
C ILE D 309 -24.44 -3.32 -6.71
N LYS D 310 -24.89 -4.56 -6.95
CA LYS D 310 -25.07 -5.58 -5.89
C LYS D 310 -23.76 -6.11 -5.26
N ALA D 311 -23.75 -6.28 -3.95
CA ALA D 311 -22.62 -6.93 -3.25
C ALA D 311 -23.10 -7.79 -2.07
N PRO D 312 -22.31 -8.80 -1.64
CA PRO D 312 -22.74 -9.60 -0.47
C PRO D 312 -22.44 -8.95 0.90
N ILE D 313 -23.44 -8.93 1.79
CA ILE D 313 -23.25 -8.47 3.14
C ILE D 313 -22.37 -9.45 3.97
N ALA D 314 -21.32 -8.92 4.63
CA ALA D 314 -20.53 -9.71 5.60
C ALA D 314 -21.29 -10.04 6.94
N VAL D 315 -21.12 -11.30 7.36
CA VAL D 315 -22.01 -12.13 8.21
C VAL D 315 -23.53 -11.90 8.10
#